data_7DQ6
#
_entry.id   7DQ6
#
_cell.length_a   67.965
_cell.length_b   96.693
_cell.length_c   166.414
_cell.angle_alpha   90.000
_cell.angle_beta   90.000
_cell.angle_gamma   90.000
#
_symmetry.space_group_name_H-M   'P 21 21 21'
#
loop_
_entity.id
_entity.type
_entity.pdbx_description
1 polymer 'Putative ATP-dependent b-aminoacyl-ACP synthetase'
2 non-polymer '[(2R,3S,4R,5R)-5-(6-aminopurin-9-yl)-3,4-bis(oxidanyl)oxolan-2-yl]methyl N-[(3S)-3-azanyl-3-(3-bromophenyl)propanoyl]sulfamate'
3 non-polymer 'CALCIUM ION'
4 water water
#
_entity_poly.entity_id   1
_entity_poly.type   'polypeptide(L)'
_entity_poly.pdbx_seq_one_letter_code
;MNHKVHHHHHHIEGRHMRVISNGRRAARARESVDNLYWFMLAAANSAPDTPAFVTRDGEGGVRTLSYRELRTRVDDFAAA
LAELGLDVDDRVVLEANVTPDAVAMLLACSLLGLPFIPVSPETPSGRLRSILDTAEPALFAQAEDGGRADVPATVGTARF
GAGGLRVERAPRARVRHRREIVGTDTAYIIFTSGTTGRPKGVVMSHRSVVSLYRAILEQGLITPEDRIATTSPLQFDFAL
FDIGLALGTGAALVPVPREELNWPRRFLAFLGDTGATQVHGVPSIWRPVLRHEPELLAGLDRVRGILFTGEDFPLPELRH
LQGLLPHARIVNGYGATESMACSFTEVPRPIPSDLERLSIGFPLPGFDVSLLDEHGRPVEEIGVAGQIHLRAPSMFSGYW
DDPEATARVLVSDPLDPRSGRTVLRSGDLAYRGEDGELYFAGRVDAQVQIRGNRVEPGEVERRLLEFPGISAAVALLVPR
PGNDPVLHAFVVVEPGGADFDKAKARAFCADTLPGYMIPANIVAVDDIPLTVNGKVDRADLATRVAGPF
;
_entity_poly.pdbx_strand_id   A,B
#
loop_
_chem_comp.id
_chem_comp.type
_chem_comp.name
_chem_comp.formula
CA non-polymer 'CALCIUM ION' 'Ca 2'
HFR non-polymer '[(2R,3S,4R,5R)-5-(6-aminopurin-9-yl)-3,4-bis(oxidanyl)oxolan-2-yl]methyl N-[(3S)-3-azanyl-3-(3-bromophenyl)propanoyl]sulfamate' 'C19 H22 Br N7 O7 S'
#
# COMPACT_ATOMS: atom_id res chain seq x y z
N ARG A 25 27.73 2.94 3.17
CA ARG A 25 27.37 4.01 2.17
C ARG A 25 26.23 3.54 1.25
N ALA A 26 26.07 2.24 0.95
CA ALA A 26 24.90 1.72 0.17
C ALA A 26 23.68 1.65 1.11
N ALA A 27 22.54 2.19 0.68
CA ALA A 27 21.23 1.99 1.35
C ALA A 27 20.84 0.49 1.27
N ARG A 28 20.43 -0.07 2.41
CA ARG A 28 19.83 -1.43 2.53
C ARG A 28 18.42 -1.24 3.12
N ALA A 29 17.41 -1.90 2.54
CA ALA A 29 16.03 -1.87 3.05
C ALA A 29 16.02 -2.42 4.49
N ARG A 30 15.34 -1.74 5.41
CA ARG A 30 15.26 -2.18 6.83
C ARG A 30 14.22 -3.31 6.94
N GLU A 31 14.40 -4.17 7.94
CA GLU A 31 13.55 -5.33 8.30
C GLU A 31 12.06 -4.97 8.40
N SER A 32 11.72 -3.76 8.85
CA SER A 32 10.32 -3.33 9.13
C SER A 32 9.62 -2.83 7.86
N VAL A 33 10.32 -2.79 6.73
CA VAL A 33 9.84 -2.17 5.46
C VAL A 33 9.55 -3.26 4.39
N ASP A 34 8.34 -3.24 3.83
CA ASP A 34 7.92 -4.10 2.69
C ASP A 34 9.08 -4.16 1.69
N ASN A 35 9.69 -5.33 1.56
CA ASN A 35 10.82 -5.55 0.62
C ASN A 35 10.92 -7.05 0.36
N LEU A 36 11.08 -7.43 -0.91
CA LEU A 36 11.19 -8.85 -1.35
C LEU A 36 12.26 -9.59 -0.54
N TYR A 37 13.40 -8.95 -0.22
CA TYR A 37 14.51 -9.61 0.51
C TYR A 37 13.97 -10.17 1.84
N TRP A 38 13.33 -9.35 2.66
CA TRP A 38 12.84 -9.76 3.99
C TRP A 38 11.64 -10.70 3.84
N PHE A 39 10.75 -10.43 2.88
CA PHE A 39 9.55 -11.26 2.65
C PHE A 39 9.96 -12.70 2.30
N MET A 40 10.84 -12.87 1.30
CA MET A 40 11.18 -14.19 0.72
C MET A 40 12.18 -14.93 1.60
N LEU A 41 12.94 -14.24 2.48
CA LEU A 41 14.02 -14.89 3.28
C LEU A 41 13.66 -14.98 4.76
N ALA A 42 12.43 -14.65 5.15
CA ALA A 42 11.93 -14.89 6.53
C ALA A 42 12.24 -16.33 6.95
N ALA A 43 12.11 -17.30 6.04
CA ALA A 43 12.26 -18.74 6.34
C ALA A 43 13.71 -19.09 6.67
N ALA A 44 14.67 -18.23 6.31
CA ALA A 44 16.11 -18.44 6.62
C ALA A 44 16.33 -18.20 8.12
N ASN A 45 15.58 -17.26 8.70
CA ASN A 45 15.53 -16.99 10.17
C ASN A 45 14.89 -18.18 10.88
N SER A 46 13.70 -18.62 10.43
CA SER A 46 12.80 -19.56 11.16
C SER A 46 13.11 -21.03 10.83
N ALA A 47 13.71 -21.33 9.68
CA ALA A 47 13.94 -22.72 9.23
C ALA A 47 15.08 -22.75 8.21
N PRO A 48 16.30 -22.32 8.61
CA PRO A 48 17.41 -22.18 7.68
C PRO A 48 17.74 -23.45 6.89
N ASP A 49 17.47 -24.62 7.45
CA ASP A 49 17.95 -25.90 6.90
C ASP A 49 16.84 -26.60 6.09
N THR A 50 15.66 -25.98 5.95
CA THR A 50 14.55 -26.47 5.06
C THR A 50 14.90 -26.12 3.62
N PRO A 51 14.50 -26.97 2.65
CA PRO A 51 14.86 -26.77 1.26
C PRO A 51 14.00 -25.66 0.63
N ALA A 52 14.68 -24.74 -0.05
CA ALA A 52 14.10 -23.56 -0.74
C ALA A 52 14.04 -23.86 -2.23
N PHE A 53 15.05 -24.56 -2.74
CA PHE A 53 15.12 -25.08 -4.13
C PHE A 53 15.36 -26.59 -4.16
N VAL A 54 14.76 -27.24 -5.17
CA VAL A 54 15.05 -28.62 -5.67
C VAL A 54 15.34 -28.50 -7.16
N THR A 55 16.55 -28.88 -7.60
CA THR A 55 17.01 -28.75 -9.01
C THR A 55 17.68 -30.04 -9.50
N ARG A 56 18.07 -30.05 -10.77
CA ARG A 56 18.78 -31.17 -11.47
C ARG A 56 20.08 -30.62 -12.08
N GLY A 61 20.22 -36.87 -10.92
CA GLY A 61 20.93 -36.07 -9.91
C GLY A 61 20.05 -34.94 -9.37
N VAL A 62 19.28 -35.23 -8.30
CA VAL A 62 18.34 -34.26 -7.65
C VAL A 62 19.00 -33.64 -6.41
N ARG A 63 19.27 -32.34 -6.43
CA ARG A 63 19.93 -31.59 -5.31
C ARG A 63 18.98 -30.55 -4.70
N THR A 64 18.98 -30.39 -3.38
CA THR A 64 18.28 -29.27 -2.66
C THR A 64 19.24 -28.10 -2.38
N LEU A 65 18.68 -26.91 -2.18
CA LEU A 65 19.42 -25.75 -1.59
C LEU A 65 18.61 -25.24 -0.42
N SER A 66 19.25 -25.07 0.74
CA SER A 66 18.63 -24.55 1.98
C SER A 66 18.33 -23.05 1.85
N TYR A 67 17.33 -22.58 2.62
CA TYR A 67 17.01 -21.13 2.82
C TYR A 67 18.28 -20.43 3.30
N ARG A 68 19.06 -21.10 4.16
CA ARG A 68 20.33 -20.57 4.72
C ARG A 68 21.32 -20.31 3.58
N GLU A 69 21.60 -21.32 2.73
CA GLU A 69 22.60 -21.17 1.63
C GLU A 69 22.07 -20.15 0.62
N LEU A 70 20.76 -20.15 0.35
CA LEU A 70 20.12 -19.17 -0.55
C LEU A 70 20.43 -17.77 -0.02
N ARG A 71 20.25 -17.54 1.29
CA ARG A 71 20.40 -16.18 1.92
C ARG A 71 21.87 -15.73 1.82
N THR A 72 22.80 -16.60 2.18
CA THR A 72 24.26 -16.36 2.06
C THR A 72 24.58 -15.93 0.62
N ARG A 73 23.93 -16.58 -0.36
CA ARG A 73 24.13 -16.26 -1.79
C ARG A 73 23.63 -14.84 -2.08
N VAL A 74 22.41 -14.50 -1.62
CA VAL A 74 21.81 -13.15 -1.83
C VAL A 74 22.80 -12.10 -1.28
N ASP A 75 23.33 -12.36 -0.06
CA ASP A 75 24.18 -11.43 0.72
C ASP A 75 25.50 -11.18 -0.03
N ASP A 76 26.08 -12.24 -0.57
CA ASP A 76 27.35 -12.14 -1.35
C ASP A 76 27.11 -11.27 -2.59
N PHE A 77 26.03 -11.55 -3.34
CA PHE A 77 25.62 -10.78 -4.54
C PHE A 77 25.36 -9.32 -4.18
N ALA A 78 24.72 -9.08 -3.02
CA ALA A 78 24.45 -7.71 -2.51
C ALA A 78 25.76 -6.98 -2.21
N ALA A 79 26.74 -7.62 -1.59
CA ALA A 79 28.05 -7.00 -1.29
C ALA A 79 28.70 -6.54 -2.60
N ALA A 80 28.72 -7.40 -3.61
CA ALA A 80 29.31 -7.10 -4.93
C ALA A 80 28.55 -5.95 -5.60
N LEU A 81 27.22 -5.98 -5.60
CA LEU A 81 26.37 -4.91 -6.19
C LEU A 81 26.60 -3.57 -5.47
N ALA A 82 26.66 -3.58 -4.14
CA ALA A 82 26.83 -2.37 -3.29
C ALA A 82 28.07 -1.57 -3.73
N GLU A 83 29.13 -2.27 -4.15
CA GLU A 83 30.44 -1.67 -4.55
C GLU A 83 30.32 -0.83 -5.82
N LEU A 84 29.28 -0.99 -6.62
CA LEU A 84 29.11 -0.31 -7.93
C LEU A 84 28.61 1.12 -7.73
N GLY A 85 28.16 1.47 -6.53
CA GLY A 85 27.67 2.83 -6.22
C GLY A 85 26.38 3.19 -6.95
N LEU A 86 25.50 2.24 -7.18
CA LEU A 86 24.20 2.56 -7.81
C LEU A 86 23.31 3.22 -6.75
N ASP A 87 22.55 4.24 -7.16
CA ASP A 87 21.55 4.91 -6.29
C ASP A 87 20.30 4.03 -6.26
N VAL A 88 19.46 4.22 -5.24
CA VAL A 88 18.12 3.60 -5.17
C VAL A 88 17.32 4.14 -6.37
N ASP A 89 16.61 3.24 -7.08
CA ASP A 89 15.78 3.49 -8.29
C ASP A 89 16.61 3.23 -9.58
N ASP A 90 17.92 3.01 -9.45
CA ASP A 90 18.78 2.62 -10.60
C ASP A 90 18.44 1.18 -10.99
N ARG A 91 18.38 0.92 -12.29
CA ARG A 91 17.78 -0.29 -12.88
C ARG A 91 18.85 -1.30 -13.30
N VAL A 92 18.60 -2.57 -12.98
CA VAL A 92 19.47 -3.73 -13.34
C VAL A 92 18.63 -4.67 -14.22
N VAL A 93 19.04 -4.85 -15.46
CA VAL A 93 18.45 -5.90 -16.34
C VAL A 93 19.03 -7.24 -15.88
N LEU A 94 18.15 -8.18 -15.57
CA LEU A 94 18.49 -9.54 -15.07
C LEU A 94 18.11 -10.53 -16.16
N GLU A 95 19.07 -10.95 -16.99
CA GLU A 95 18.82 -11.92 -18.07
C GLU A 95 19.14 -13.33 -17.55
N ALA A 96 18.10 -14.14 -17.33
CA ALA A 96 18.21 -15.48 -16.75
C ALA A 96 16.84 -16.14 -16.78
N ASN A 97 16.77 -17.45 -16.61
CA ASN A 97 15.49 -18.13 -16.29
C ASN A 97 15.49 -18.38 -14.77
N VAL A 98 14.47 -19.05 -14.27
CA VAL A 98 14.30 -19.26 -12.81
C VAL A 98 15.37 -20.24 -12.34
N THR A 99 16.43 -19.71 -11.73
CA THR A 99 17.54 -20.50 -11.11
C THR A 99 17.74 -19.98 -9.70
N PRO A 100 18.40 -20.75 -8.81
CA PRO A 100 18.78 -20.24 -7.50
C PRO A 100 19.63 -18.95 -7.61
N ASP A 101 20.54 -18.88 -8.59
CA ASP A 101 21.43 -17.72 -8.80
C ASP A 101 20.57 -16.52 -9.24
N ALA A 102 19.62 -16.70 -10.16
CA ALA A 102 18.78 -15.59 -10.69
C ALA A 102 17.89 -15.04 -9.58
N VAL A 103 17.43 -15.88 -8.66
CA VAL A 103 16.54 -15.49 -7.54
C VAL A 103 17.38 -14.76 -6.48
N ALA A 104 18.61 -15.25 -6.20
CA ALA A 104 19.54 -14.59 -5.26
C ALA A 104 19.87 -13.18 -5.77
N MET A 105 20.01 -13.01 -7.09
CA MET A 105 20.26 -11.69 -7.74
C MET A 105 19.06 -10.76 -7.51
N LEU A 106 17.84 -11.18 -7.86
CA LEU A 106 16.68 -10.26 -7.76
C LEU A 106 16.47 -9.90 -6.28
N LEU A 107 16.85 -10.79 -5.34
CA LEU A 107 16.69 -10.51 -3.88
C LEU A 107 17.78 -9.55 -3.42
N ALA A 108 18.97 -9.61 -4.02
CA ALA A 108 20.09 -8.69 -3.70
C ALA A 108 19.78 -7.29 -4.24
N CYS A 109 19.26 -7.21 -5.46
CA CYS A 109 18.76 -5.97 -6.10
C CYS A 109 17.67 -5.33 -5.23
N SER A 110 16.76 -6.18 -4.73
CA SER A 110 15.61 -5.84 -3.85
C SER A 110 16.12 -5.15 -2.57
N LEU A 111 17.09 -5.76 -1.88
CA LEU A 111 17.68 -5.28 -0.60
C LEU A 111 18.26 -3.88 -0.80
N LEU A 112 18.89 -3.61 -1.96
CA LEU A 112 19.58 -2.35 -2.29
C LEU A 112 18.62 -1.37 -3.01
N GLY A 113 17.33 -1.66 -3.08
CA GLY A 113 16.37 -0.73 -3.74
C GLY A 113 16.68 -0.48 -5.20
N LEU A 114 17.33 -1.47 -5.86
CA LEU A 114 17.64 -1.43 -7.32
C LEU A 114 16.57 -2.23 -8.05
N PRO A 115 15.62 -1.56 -8.76
CA PRO A 115 14.59 -2.27 -9.52
C PRO A 115 15.18 -3.21 -10.59
N PHE A 116 14.76 -4.48 -10.56
CA PHE A 116 15.23 -5.51 -11.51
C PHE A 116 14.29 -5.53 -12.71
N ILE A 117 14.87 -5.64 -13.91
CA ILE A 117 14.12 -5.85 -15.18
C ILE A 117 14.43 -7.28 -15.63
N PRO A 118 13.54 -8.25 -15.36
CA PRO A 118 13.81 -9.63 -15.72
C PRO A 118 13.64 -9.76 -17.25
N VAL A 119 14.64 -10.38 -17.89
CA VAL A 119 14.60 -10.66 -19.35
C VAL A 119 14.97 -12.14 -19.59
N SER A 120 14.20 -12.84 -20.42
CA SER A 120 14.52 -14.26 -20.72
C SER A 120 15.66 -14.32 -21.73
N PRO A 121 16.60 -15.28 -21.56
CA PRO A 121 17.74 -15.43 -22.46
C PRO A 121 17.31 -15.81 -23.89
N GLU A 122 16.07 -16.23 -24.07
CA GLU A 122 15.51 -16.60 -25.39
C GLU A 122 14.86 -15.36 -26.02
N THR A 123 15.26 -14.15 -25.60
CA THR A 123 14.72 -12.88 -26.13
C THR A 123 15.64 -12.46 -27.25
N PRO A 124 15.12 -12.17 -28.47
CA PRO A 124 15.97 -11.68 -29.56
C PRO A 124 16.76 -10.44 -29.14
N SER A 125 18.02 -10.35 -29.57
CA SER A 125 18.92 -9.17 -29.41
C SER A 125 18.16 -7.88 -29.73
N GLY A 126 17.31 -7.88 -30.75
CA GLY A 126 16.49 -6.74 -31.19
C GLY A 126 15.59 -6.24 -30.07
N ARG A 127 14.92 -7.15 -29.35
CA ARG A 127 13.95 -6.78 -28.28
C ARG A 127 14.68 -6.37 -26.98
N LEU A 128 15.83 -6.99 -26.69
CA LEU A 128 16.67 -6.57 -25.54
C LEU A 128 17.15 -5.14 -25.76
N ARG A 129 17.65 -4.81 -26.95
CA ARG A 129 18.12 -3.44 -27.31
C ARG A 129 16.99 -2.44 -27.07
N SER A 130 15.76 -2.80 -27.46
CA SER A 130 14.57 -1.92 -27.32
C SER A 130 14.33 -1.63 -25.82
N ILE A 131 14.36 -2.67 -24.97
CA ILE A 131 14.28 -2.56 -23.49
C ILE A 131 15.42 -1.68 -22.98
N LEU A 132 16.67 -1.95 -23.41
CA LEU A 132 17.88 -1.19 -22.96
C LEU A 132 17.76 0.28 -23.36
N ASP A 133 17.18 0.61 -24.52
CA ASP A 133 17.00 2.02 -24.99
C ASP A 133 15.96 2.77 -24.13
N THR A 134 14.84 2.13 -23.76
CA THR A 134 13.75 2.74 -22.94
C THR A 134 14.12 2.77 -21.46
N ALA A 135 14.55 1.63 -20.91
CA ALA A 135 14.84 1.43 -19.47
C ALA A 135 16.10 2.18 -19.06
N GLU A 136 17.07 2.31 -19.99
CA GLU A 136 18.38 2.96 -19.71
C GLU A 136 18.88 2.46 -18.36
N PRO A 137 19.08 1.14 -18.20
CA PRO A 137 19.50 0.59 -16.93
C PRO A 137 20.96 1.04 -16.68
N ALA A 138 21.40 0.96 -15.42
CA ALA A 138 22.80 1.19 -15.04
C ALA A 138 23.63 -0.09 -15.30
N LEU A 139 23.04 -1.27 -15.16
CA LEU A 139 23.77 -2.57 -15.17
C LEU A 139 22.94 -3.63 -15.89
N PHE A 140 23.62 -4.50 -16.65
CA PHE A 140 23.06 -5.73 -17.27
C PHE A 140 23.79 -6.93 -16.68
N ALA A 141 23.08 -7.83 -16.01
CA ALA A 141 23.66 -9.04 -15.36
C ALA A 141 23.09 -10.30 -16.01
N GLN A 142 23.95 -11.25 -16.38
CA GLN A 142 23.53 -12.60 -16.82
C GLN A 142 24.37 -13.64 -16.10
N ALA A 143 23.99 -14.91 -16.29
CA ALA A 143 24.67 -16.08 -15.71
C ALA A 143 26.08 -16.15 -16.27
N GLU A 144 26.98 -16.81 -15.56
CA GLU A 144 28.37 -17.04 -16.01
C GLU A 144 28.32 -17.75 -17.39
N ASP A 145 27.49 -18.79 -17.53
CA ASP A 145 27.40 -19.59 -18.80
C ASP A 145 26.50 -18.89 -19.84
N GLY A 146 25.78 -17.84 -19.49
CA GLY A 146 24.91 -17.11 -20.44
C GLY A 146 25.68 -16.62 -21.66
N GLY A 147 25.00 -16.49 -22.80
CA GLY A 147 25.65 -16.13 -24.06
C GLY A 147 25.08 -14.89 -24.69
N ARG A 148 24.79 -13.85 -23.90
CA ARG A 148 24.48 -12.51 -24.46
C ARG A 148 25.81 -11.75 -24.62
N ALA A 149 26.06 -11.24 -25.82
CA ALA A 149 27.15 -10.27 -26.11
C ALA A 149 26.52 -8.99 -26.69
N ASP A 150 27.34 -8.04 -27.15
CA ASP A 150 26.88 -6.81 -27.87
C ASP A 150 25.80 -6.09 -27.05
N VAL A 151 26.00 -5.98 -25.73
CA VAL A 151 25.31 -4.98 -24.87
C VAL A 151 26.09 -3.67 -25.02
N PRO A 152 25.44 -2.52 -25.32
CA PRO A 152 26.16 -1.26 -25.54
C PRO A 152 26.99 -0.77 -24.34
N ALA A 153 27.97 0.11 -24.58
CA ALA A 153 29.00 0.57 -23.60
C ALA A 153 28.42 1.57 -22.59
N THR A 154 27.28 2.19 -22.92
CA THR A 154 26.48 3.09 -22.02
C THR A 154 26.01 2.29 -20.79
N VAL A 155 25.87 0.97 -20.88
CA VAL A 155 25.35 0.09 -19.79
C VAL A 155 26.51 -0.76 -19.24
N GLY A 156 26.57 -0.90 -17.91
CA GLY A 156 27.51 -1.82 -17.25
C GLY A 156 27.11 -3.26 -17.50
N THR A 157 28.07 -4.18 -17.48
CA THR A 157 27.82 -5.63 -17.63
C THR A 157 28.49 -6.37 -16.48
N ALA A 158 27.85 -7.44 -15.99
CA ALA A 158 28.35 -8.35 -14.93
C ALA A 158 27.84 -9.77 -15.17
N ARG A 159 28.36 -10.74 -14.42
CA ARG A 159 28.01 -12.16 -14.54
C ARG A 159 27.95 -12.79 -13.15
N PHE A 160 26.93 -13.58 -12.87
CA PHE A 160 26.71 -14.20 -11.53
C PHE A 160 26.77 -15.72 -11.62
N GLY A 161 27.25 -16.33 -10.54
CA GLY A 161 27.32 -17.78 -10.28
C GLY A 161 27.43 -18.01 -8.79
N ALA A 162 27.32 -19.24 -8.28
CA ALA A 162 27.42 -19.52 -6.82
C ALA A 162 28.74 -18.97 -6.27
N GLY A 163 29.81 -18.99 -7.09
CA GLY A 163 31.13 -18.41 -6.78
C GLY A 163 31.05 -16.92 -6.47
N GLY A 164 30.22 -16.18 -7.21
CA GLY A 164 29.94 -14.75 -6.94
C GLY A 164 29.57 -13.97 -8.19
N LEU A 165 29.25 -12.68 -8.01
CA LEU A 165 29.01 -11.70 -9.10
C LEU A 165 30.37 -11.11 -9.50
N ARG A 166 30.72 -11.25 -10.78
CA ARG A 166 31.99 -10.77 -11.40
C ARG A 166 31.64 -9.68 -12.42
N VAL A 167 32.20 -8.47 -12.27
CA VAL A 167 31.88 -7.28 -13.12
C VAL A 167 32.84 -7.27 -14.31
N GLU A 168 32.30 -7.29 -15.52
CA GLU A 168 33.10 -7.14 -16.77
C GLU A 168 33.37 -5.63 -16.93
N ARG A 169 32.30 -4.85 -17.08
CA ARG A 169 32.35 -3.37 -17.28
C ARG A 169 31.54 -2.68 -16.19
N ALA A 170 32.18 -1.86 -15.36
CA ALA A 170 31.57 -1.10 -14.25
C ALA A 170 30.60 -0.06 -14.80
N PRO A 171 29.41 0.13 -14.17
CA PRO A 171 28.53 1.24 -14.52
C PRO A 171 29.26 2.59 -14.34
N ARG A 172 28.85 3.61 -15.07
CA ARG A 172 29.42 4.97 -14.90
C ARG A 172 29.29 5.39 -13.42
N ALA A 173 30.23 6.20 -12.96
CA ALA A 173 30.19 6.82 -11.61
C ALA A 173 28.97 7.76 -11.52
N ARG A 174 28.42 7.92 -10.32
CA ARG A 174 27.26 8.81 -10.01
C ARG A 174 27.33 9.22 -8.53
N VAL A 175 26.53 10.20 -8.12
CA VAL A 175 26.35 10.55 -6.68
C VAL A 175 25.04 9.93 -6.20
N ARG A 176 25.10 9.14 -5.11
CA ARG A 176 23.93 8.55 -4.40
C ARG A 176 23.15 9.64 -3.64
N HIS A 177 21.87 9.85 -3.96
CA HIS A 177 20.99 10.89 -3.33
C HIS A 177 20.01 10.27 -2.31
N ARG A 178 19.56 9.03 -2.50
CA ARG A 178 18.50 8.40 -1.67
C ARG A 178 19.10 7.86 -0.36
N ARG A 179 18.61 8.36 0.79
CA ARG A 179 19.10 7.99 2.15
C ARG A 179 18.52 6.65 2.61
N GLU A 180 17.20 6.51 2.50
CA GLU A 180 16.46 5.33 3.00
C GLU A 180 15.65 4.73 1.85
N ILE A 181 15.48 3.41 1.90
CA ILE A 181 14.60 2.63 0.97
C ILE A 181 13.24 2.48 1.62
N VAL A 182 12.18 2.63 0.83
CA VAL A 182 10.76 2.60 1.29
C VAL A 182 9.95 1.54 0.52
N GLY A 183 8.83 1.12 1.10
CA GLY A 183 7.88 0.14 0.55
C GLY A 183 7.39 0.52 -0.84
N THR A 184 7.24 1.81 -1.15
CA THR A 184 6.73 2.26 -2.46
C THR A 184 7.88 2.32 -3.49
N ASP A 185 9.11 1.99 -3.11
CA ASP A 185 10.25 1.94 -4.06
C ASP A 185 9.95 0.80 -5.05
N THR A 186 10.41 0.92 -6.29
CA THR A 186 10.18 -0.08 -7.36
C THR A 186 11.01 -1.34 -7.08
N ALA A 187 10.31 -2.47 -6.93
CA ALA A 187 10.90 -3.82 -6.85
C ALA A 187 11.33 -4.30 -8.24
N TYR A 188 10.43 -4.25 -9.23
CA TYR A 188 10.68 -4.80 -10.59
C TYR A 188 9.89 -4.03 -11.64
N ILE A 189 10.38 -4.05 -12.87
CA ILE A 189 9.66 -3.54 -14.08
C ILE A 189 9.54 -4.69 -15.09
N ILE A 190 8.33 -4.97 -15.55
CA ILE A 190 8.05 -6.03 -16.57
C ILE A 190 7.89 -5.33 -17.91
N PHE A 191 8.76 -5.65 -18.87
CA PHE A 191 8.68 -5.08 -20.25
C PHE A 191 8.08 -6.10 -21.24
N THR A 192 7.17 -5.58 -22.08
CA THR A 192 6.57 -6.21 -23.28
C THR A 192 6.28 -5.08 -24.29
N PRO A 199 7.90 -0.19 -26.24
CA PRO A 199 7.67 -1.20 -25.20
C PRO A 199 6.74 -0.73 -24.05
N LYS A 200 6.13 -1.67 -23.33
CA LYS A 200 5.22 -1.43 -22.18
C LYS A 200 5.90 -1.94 -20.89
N GLY A 201 6.30 -1.02 -20.01
CA GLY A 201 7.00 -1.33 -18.74
C GLY A 201 6.10 -1.16 -17.53
N VAL A 202 5.58 -2.26 -17.00
CA VAL A 202 4.74 -2.22 -15.76
C VAL A 202 5.68 -2.07 -14.57
N VAL A 203 5.58 -0.94 -13.87
CA VAL A 203 6.40 -0.61 -12.67
C VAL A 203 5.67 -1.12 -11.43
N MET A 204 6.34 -1.88 -10.59
CA MET A 204 5.71 -2.48 -9.40
C MET A 204 6.57 -2.21 -8.16
N SER A 205 5.96 -1.58 -7.15
CA SER A 205 6.52 -1.36 -5.79
C SER A 205 6.63 -2.68 -5.02
N HIS A 206 7.56 -2.72 -4.06
CA HIS A 206 7.72 -3.83 -3.07
C HIS A 206 6.44 -3.95 -2.26
N ARG A 207 5.85 -2.82 -1.86
CA ARG A 207 4.60 -2.83 -1.06
C ARG A 207 3.51 -3.53 -1.89
N SER A 208 3.40 -3.24 -3.17
CA SER A 208 2.37 -3.82 -4.06
C SER A 208 2.52 -5.36 -4.17
N VAL A 209 3.73 -5.88 -4.41
CA VAL A 209 3.99 -7.33 -4.68
C VAL A 209 3.74 -8.10 -3.38
N VAL A 210 4.39 -7.62 -2.31
CA VAL A 210 4.33 -8.26 -0.98
C VAL A 210 2.85 -8.32 -0.57
N SER A 211 2.08 -7.29 -0.92
CA SER A 211 0.63 -7.17 -0.58
C SER A 211 -0.12 -8.32 -1.25
N LEU A 212 0.20 -8.63 -2.51
CA LEU A 212 -0.40 -9.81 -3.17
C LEU A 212 0.08 -11.11 -2.50
N TYR A 213 1.39 -11.27 -2.29
CA TYR A 213 1.94 -12.48 -1.63
C TYR A 213 1.16 -12.74 -0.33
N ARG A 214 0.87 -11.69 0.46
CA ARG A 214 0.19 -11.80 1.78
C ARG A 214 -1.24 -12.30 1.62
N ALA A 215 -1.96 -11.79 0.60
CA ALA A 215 -3.39 -12.06 0.36
C ALA A 215 -3.59 -13.54 0.00
N ILE A 216 -2.64 -14.08 -0.79
CA ILE A 216 -2.67 -15.48 -1.28
C ILE A 216 -2.08 -16.40 -0.21
N LEU A 217 -1.14 -15.95 0.61
CA LEU A 217 -0.73 -16.73 1.81
C LEU A 217 -1.93 -16.85 2.76
N GLU A 218 -2.78 -15.82 2.84
CA GLU A 218 -3.97 -15.80 3.73
C GLU A 218 -4.96 -16.89 3.31
N GLN A 219 -5.23 -16.98 2.00
CA GLN A 219 -6.18 -17.96 1.37
C GLN A 219 -5.60 -19.39 1.40
N GLY A 220 -4.36 -19.59 1.85
CA GLY A 220 -3.79 -20.90 2.23
C GLY A 220 -3.60 -21.88 1.07
N LEU A 221 -3.23 -21.38 -0.12
CA LEU A 221 -3.10 -22.15 -1.39
C LEU A 221 -2.04 -23.25 -1.28
N ILE A 222 -0.95 -23.04 -0.54
CA ILE A 222 0.11 -24.08 -0.36
C ILE A 222 0.64 -24.02 1.07
N THR A 223 1.46 -24.98 1.47
CA THR A 223 2.08 -25.14 2.82
C THR A 223 3.60 -25.28 2.68
N PRO A 224 4.38 -25.12 3.78
CA PRO A 224 5.83 -25.33 3.72
C PRO A 224 6.25 -26.73 3.22
N GLU A 225 5.33 -27.69 3.22
CA GLU A 225 5.61 -29.11 2.89
C GLU A 225 5.56 -29.30 1.36
N ASP A 226 5.00 -28.33 0.63
CA ASP A 226 4.78 -28.40 -0.83
C ASP A 226 6.11 -28.19 -1.59
N ARG A 227 6.19 -28.74 -2.81
CA ARG A 227 7.26 -28.50 -3.80
C ARG A 227 6.63 -27.98 -5.09
N ILE A 228 6.85 -26.69 -5.39
CA ILE A 228 6.14 -25.94 -6.47
C ILE A 228 6.94 -26.08 -7.76
N ALA A 229 6.44 -26.86 -8.72
CA ALA A 229 6.95 -26.86 -10.10
C ALA A 229 6.51 -25.53 -10.75
N THR A 230 7.46 -24.64 -11.02
CA THR A 230 7.21 -23.39 -11.76
C THR A 230 7.75 -23.58 -13.18
N THR A 231 6.98 -23.17 -14.19
CA THR A 231 7.27 -23.37 -15.64
C THR A 231 7.52 -22.04 -16.36
N SER A 232 7.02 -20.94 -15.85
CA SER A 232 7.06 -19.62 -16.51
C SER A 232 8.50 -19.15 -16.65
N PRO A 233 8.84 -18.41 -17.74
CA PRO A 233 10.10 -17.69 -17.81
C PRO A 233 10.09 -16.55 -16.78
N LEU A 234 11.28 -16.10 -16.38
CA LEU A 234 11.50 -15.12 -15.28
C LEU A 234 10.92 -13.75 -15.67
N GLN A 235 10.86 -13.44 -16.97
CA GLN A 235 10.37 -12.13 -17.49
C GLN A 235 8.83 -12.05 -17.41
N PHE A 236 8.15 -13.11 -16.98
CA PHE A 236 6.67 -13.19 -16.83
C PHE A 236 6.42 -13.23 -15.32
N ASP A 237 5.59 -12.35 -14.79
CA ASP A 237 5.45 -12.19 -13.32
C ASP A 237 4.83 -13.46 -12.70
N PHE A 238 4.37 -14.41 -13.52
CA PHE A 238 3.88 -15.72 -13.02
C PHE A 238 5.02 -16.50 -12.37
N ALA A 239 6.24 -16.35 -12.89
CA ALA A 239 7.46 -16.87 -12.25
C ALA A 239 7.74 -16.11 -10.96
N LEU A 240 7.62 -14.76 -10.98
CA LEU A 240 7.79 -13.93 -9.76
C LEU A 240 6.71 -14.30 -8.74
N PHE A 241 5.48 -14.59 -9.17
CA PHE A 241 4.39 -15.06 -8.29
C PHE A 241 4.81 -16.36 -7.60
N ASP A 242 5.19 -17.36 -8.40
CA ASP A 242 5.59 -18.72 -7.95
C ASP A 242 6.79 -18.64 -7.00
N ILE A 243 7.84 -17.90 -7.35
CA ILE A 243 9.05 -17.71 -6.50
C ILE A 243 8.63 -17.13 -5.14
N GLY A 244 7.85 -16.05 -5.17
CA GLY A 244 7.39 -15.34 -3.96
C GLY A 244 6.47 -16.19 -3.13
N LEU A 245 5.42 -16.73 -3.74
CA LEU A 245 4.45 -17.63 -3.05
C LEU A 245 5.23 -18.70 -2.29
N ALA A 246 6.17 -19.36 -2.96
CA ALA A 246 6.90 -20.55 -2.46
C ALA A 246 7.81 -20.16 -1.29
N LEU A 247 8.74 -19.23 -1.54
CA LEU A 247 9.78 -18.82 -0.56
C LEU A 247 9.12 -18.10 0.62
N GLY A 248 8.13 -17.26 0.35
CA GLY A 248 7.31 -16.58 1.38
C GLY A 248 6.64 -17.56 2.32
N THR A 249 6.32 -18.76 1.86
CA THR A 249 5.60 -19.79 2.66
C THR A 249 6.61 -20.63 3.44
N GLY A 250 7.84 -20.78 2.94
CA GLY A 250 8.86 -21.69 3.50
C GLY A 250 8.90 -23.02 2.75
N ALA A 251 8.16 -23.12 1.65
CA ALA A 251 8.09 -24.30 0.76
C ALA A 251 9.35 -24.35 -0.12
N ALA A 252 9.45 -25.35 -0.99
CA ALA A 252 10.57 -25.53 -1.95
C ALA A 252 10.08 -25.15 -3.35
N LEU A 253 10.87 -24.35 -4.07
CA LEU A 253 10.65 -24.05 -5.52
C LEU A 253 11.29 -25.17 -6.38
N VAL A 254 10.56 -25.70 -7.35
CA VAL A 254 11.10 -26.66 -8.36
C VAL A 254 11.03 -26.00 -9.73
N PRO A 255 12.05 -25.20 -10.10
CA PRO A 255 12.09 -24.60 -11.44
C PRO A 255 12.21 -25.70 -12.50
N VAL A 256 11.29 -25.70 -13.46
CA VAL A 256 11.29 -26.63 -14.64
C VAL A 256 11.94 -25.91 -15.81
N PRO A 257 13.17 -26.30 -16.23
CA PRO A 257 13.78 -25.70 -17.41
C PRO A 257 12.93 -25.99 -18.66
N ARG A 258 12.97 -25.06 -19.62
CA ARG A 258 12.15 -25.08 -20.86
C ARG A 258 12.46 -26.36 -21.65
N GLU A 259 13.69 -26.87 -21.61
CA GLU A 259 14.06 -28.09 -22.36
C GLU A 259 13.26 -29.28 -21.82
N GLU A 260 13.33 -29.55 -20.51
CA GLU A 260 12.51 -30.60 -19.82
C GLU A 260 11.03 -30.44 -20.18
N LEU A 261 10.55 -29.22 -20.33
CA LEU A 261 9.12 -28.89 -20.59
C LEU A 261 8.69 -29.32 -22.01
N ASN A 262 9.53 -29.15 -23.02
CA ASN A 262 9.18 -29.41 -24.46
C ASN A 262 8.76 -30.86 -24.75
N TRP A 263 9.32 -31.82 -24.01
CA TRP A 263 9.16 -33.27 -24.26
C TRP A 263 8.26 -33.87 -23.18
N PRO A 264 7.07 -34.40 -23.56
CA PRO A 264 6.12 -34.96 -22.59
C PRO A 264 6.73 -35.91 -21.55
N ARG A 265 7.50 -36.89 -21.99
CA ARG A 265 8.04 -37.93 -21.07
C ARG A 265 9.15 -37.31 -20.20
N ARG A 266 10.00 -36.44 -20.74
CA ARG A 266 11.10 -35.74 -20.02
C ARG A 266 10.49 -34.91 -18.87
N PHE A 267 9.43 -34.16 -19.19
CA PHE A 267 8.71 -33.27 -18.26
C PHE A 267 8.15 -34.09 -17.09
N LEU A 268 7.41 -35.17 -17.37
CA LEU A 268 6.74 -36.00 -16.32
C LEU A 268 7.82 -36.68 -15.47
N ALA A 269 8.93 -37.10 -16.07
CA ALA A 269 10.04 -37.74 -15.33
C ALA A 269 10.64 -36.70 -14.38
N PHE A 270 10.69 -35.43 -14.81
CA PHE A 270 11.23 -34.29 -14.01
C PHE A 270 10.33 -34.09 -12.80
N LEU A 271 9.01 -33.96 -13.01
CA LEU A 271 8.03 -33.76 -11.91
C LEU A 271 8.12 -34.95 -10.93
N GLY A 272 8.35 -36.15 -11.48
CA GLY A 272 8.48 -37.41 -10.71
C GLY A 272 9.74 -37.41 -9.85
N ASP A 273 10.90 -37.18 -10.46
CA ASP A 273 12.22 -37.26 -9.79
C ASP A 273 12.40 -36.14 -8.74
N THR A 274 11.73 -35.00 -8.89
CA THR A 274 11.91 -33.81 -8.01
C THR A 274 10.88 -33.81 -6.89
N GLY A 275 9.86 -34.65 -6.97
CA GLY A 275 8.85 -34.75 -5.89
C GLY A 275 7.83 -33.62 -5.91
N ALA A 276 7.66 -32.94 -7.04
CA ALA A 276 6.68 -31.84 -7.21
C ALA A 276 5.31 -32.26 -6.65
N THR A 277 4.74 -31.42 -5.76
CA THR A 277 3.37 -31.58 -5.20
C THR A 277 2.42 -30.58 -5.85
N GLN A 278 2.94 -29.55 -6.52
CA GLN A 278 2.13 -28.47 -7.14
C GLN A 278 2.75 -28.12 -8.48
N VAL A 279 1.92 -27.97 -9.52
CA VAL A 279 2.42 -27.66 -10.89
C VAL A 279 1.74 -26.36 -11.37
N HIS A 280 2.59 -25.36 -11.57
CA HIS A 280 2.20 -23.98 -11.95
C HIS A 280 2.63 -23.76 -13.40
N GLY A 281 1.70 -23.25 -14.20
CA GLY A 281 1.92 -22.94 -15.61
C GLY A 281 0.67 -22.44 -16.27
N VAL A 282 0.84 -21.75 -17.39
CA VAL A 282 -0.20 -21.51 -18.44
C VAL A 282 -0.73 -22.86 -18.92
N PRO A 283 -1.99 -22.91 -19.40
CA PRO A 283 -2.58 -24.16 -19.89
C PRO A 283 -1.72 -24.97 -20.86
N SER A 284 -0.98 -24.30 -21.75
CA SER A 284 -0.17 -24.89 -22.85
C SER A 284 0.88 -25.89 -22.34
N ILE A 285 1.35 -25.79 -21.09
CA ILE A 285 2.34 -26.77 -20.55
C ILE A 285 1.75 -28.19 -20.58
N TRP A 286 0.42 -28.33 -20.57
CA TRP A 286 -0.28 -29.64 -20.53
C TRP A 286 -0.55 -30.22 -21.92
N ARG A 287 -0.54 -29.39 -22.98
CA ARG A 287 -1.01 -29.82 -24.33
C ARG A 287 -0.25 -31.06 -24.79
N PRO A 288 1.10 -31.07 -24.82
CA PRO A 288 1.85 -32.24 -25.28
C PRO A 288 1.59 -33.50 -24.45
N VAL A 289 1.42 -33.34 -23.15
CA VAL A 289 1.36 -34.49 -22.21
C VAL A 289 -0.03 -35.11 -22.34
N LEU A 290 -1.07 -34.31 -22.56
CA LEU A 290 -2.45 -34.81 -22.80
C LEU A 290 -2.54 -35.51 -24.16
N ARG A 291 -1.80 -35.05 -25.17
CA ARG A 291 -1.78 -35.62 -26.52
C ARG A 291 -1.05 -36.98 -26.50
N HIS A 292 0.22 -37.01 -26.07
CA HIS A 292 1.15 -38.14 -26.29
C HIS A 292 1.29 -39.04 -25.06
N GLU A 293 1.03 -38.58 -23.83
CA GLU A 293 1.37 -39.37 -22.64
C GLU A 293 0.30 -39.31 -21.55
N PRO A 294 -1.01 -39.43 -21.86
CA PRO A 294 -2.04 -39.37 -20.83
C PRO A 294 -1.85 -40.40 -19.70
N GLU A 295 -1.47 -41.63 -20.02
CA GLU A 295 -1.33 -42.74 -19.04
C GLU A 295 -0.25 -42.41 -18.00
N LEU A 296 0.87 -41.88 -18.49
CA LEU A 296 2.08 -41.61 -17.67
C LEU A 296 1.86 -40.40 -16.76
N LEU A 297 1.10 -39.41 -17.24
CA LEU A 297 0.64 -38.22 -16.46
C LEU A 297 -0.25 -38.68 -15.31
N ALA A 298 -1.04 -39.75 -15.50
CA ALA A 298 -1.90 -40.34 -14.44
C ALA A 298 -1.04 -41.01 -13.35
N GLY A 299 0.29 -41.08 -13.52
CA GLY A 299 1.23 -41.65 -12.54
C GLY A 299 1.91 -40.61 -11.64
N LEU A 300 1.52 -39.33 -11.70
CA LEU A 300 2.01 -38.28 -10.76
C LEU A 300 1.27 -38.37 -9.43
N ASP A 301 1.54 -39.45 -8.68
CA ASP A 301 0.90 -39.81 -7.40
C ASP A 301 1.20 -38.73 -6.33
N ARG A 302 2.16 -37.84 -6.57
CA ARG A 302 2.53 -36.84 -5.53
C ARG A 302 1.95 -35.46 -5.83
N VAL A 303 1.32 -35.23 -6.98
CA VAL A 303 0.78 -33.88 -7.35
C VAL A 303 -0.57 -33.64 -6.65
N ARG A 304 -0.60 -32.69 -5.72
CA ARG A 304 -1.81 -32.33 -4.92
C ARG A 304 -2.54 -31.18 -5.60
N GLY A 305 -1.84 -30.42 -6.42
CA GLY A 305 -2.40 -29.21 -7.03
C GLY A 305 -1.82 -28.93 -8.39
N ILE A 306 -2.63 -28.22 -9.18
CA ILE A 306 -2.23 -27.55 -10.45
C ILE A 306 -2.76 -26.12 -10.39
N LEU A 307 -1.92 -25.12 -10.69
CA LEU A 307 -2.38 -23.72 -10.89
C LEU A 307 -2.08 -23.28 -12.33
N PHE A 308 -3.03 -22.59 -12.95
CA PHE A 308 -2.87 -21.97 -14.29
C PHE A 308 -3.43 -20.54 -14.28
N THR A 309 -2.87 -19.69 -15.14
CA THR A 309 -3.37 -18.33 -15.43
C THR A 309 -2.91 -17.92 -16.81
N GLY A 310 -3.24 -16.71 -17.25
CA GLY A 310 -2.71 -16.14 -18.51
C GLY A 310 -3.73 -16.16 -19.62
N GLU A 311 -4.53 -17.22 -19.69
CA GLU A 311 -5.62 -17.37 -20.70
C GLU A 311 -6.56 -18.49 -20.27
N ASP A 312 -7.70 -18.56 -20.95
CA ASP A 312 -8.66 -19.69 -20.87
C ASP A 312 -7.88 -21.00 -21.06
N PHE A 313 -8.16 -21.95 -20.18
CA PHE A 313 -7.86 -23.38 -20.34
C PHE A 313 -8.99 -23.99 -21.15
N PRO A 314 -8.75 -24.48 -22.38
CA PRO A 314 -9.79 -25.16 -23.15
C PRO A 314 -10.45 -26.24 -22.29
N LEU A 315 -11.78 -26.22 -22.20
CA LEU A 315 -12.51 -27.13 -21.28
C LEU A 315 -12.28 -28.60 -21.63
N PRO A 316 -12.29 -29.04 -22.91
CA PRO A 316 -11.98 -30.44 -23.25
C PRO A 316 -10.62 -30.90 -22.69
N GLU A 317 -9.57 -30.10 -22.89
CA GLU A 317 -8.21 -30.38 -22.36
C GLU A 317 -8.27 -30.40 -20.82
N LEU A 318 -9.00 -29.46 -20.23
CA LEU A 318 -9.08 -29.31 -18.75
C LEU A 318 -9.84 -30.51 -18.15
N ARG A 319 -10.93 -30.95 -18.77
CA ARG A 319 -11.72 -32.12 -18.30
C ARG A 319 -10.84 -33.39 -18.32
N HIS A 320 -9.99 -33.51 -19.34
CA HIS A 320 -9.11 -34.67 -19.56
C HIS A 320 -8.04 -34.71 -18.46
N LEU A 321 -7.38 -33.59 -18.18
CA LEU A 321 -6.31 -33.45 -17.14
C LEU A 321 -6.91 -33.75 -15.76
N GLN A 322 -8.10 -33.22 -15.46
CA GLN A 322 -8.85 -33.52 -14.19
C GLN A 322 -9.12 -35.03 -14.07
N GLY A 323 -9.63 -35.65 -15.16
CA GLY A 323 -9.94 -37.08 -15.26
C GLY A 323 -8.76 -37.97 -14.92
N LEU A 324 -7.54 -37.59 -15.39
CA LEU A 324 -6.27 -38.35 -15.23
C LEU A 324 -5.64 -38.14 -13.85
N LEU A 325 -5.87 -36.98 -13.23
CA LEU A 325 -5.32 -36.63 -11.90
C LEU A 325 -6.47 -36.27 -10.97
N PRO A 326 -7.32 -37.23 -10.58
CA PRO A 326 -8.53 -36.92 -9.81
C PRO A 326 -8.22 -36.43 -8.39
N HIS A 327 -7.02 -36.69 -7.84
CA HIS A 327 -6.60 -36.29 -6.47
C HIS A 327 -5.74 -35.01 -6.50
N ALA A 328 -5.97 -34.15 -7.49
CA ALA A 328 -5.26 -32.87 -7.68
C ALA A 328 -6.31 -31.76 -7.79
N ARG A 329 -6.35 -30.89 -6.79
CA ARG A 329 -7.02 -29.57 -6.79
C ARG A 329 -6.53 -28.80 -8.02
N ILE A 330 -7.43 -28.26 -8.84
CA ILE A 330 -7.08 -27.41 -10.00
C ILE A 330 -7.61 -26.00 -9.74
N VAL A 331 -6.73 -24.99 -9.82
CA VAL A 331 -7.12 -23.58 -9.56
C VAL A 331 -6.99 -22.78 -10.85
N ASN A 332 -8.04 -22.03 -11.15
CA ASN A 332 -8.09 -20.95 -12.16
C ASN A 332 -7.60 -19.66 -11.49
N GLY A 333 -6.42 -19.20 -11.86
CA GLY A 333 -5.89 -17.89 -11.43
C GLY A 333 -6.14 -16.83 -12.48
N TYR A 334 -6.85 -15.77 -12.10
CA TYR A 334 -7.08 -14.58 -12.97
C TYR A 334 -6.38 -13.35 -12.40
N GLY A 335 -5.73 -12.61 -13.29
CA GLY A 335 -5.17 -11.30 -12.98
C GLY A 335 -4.25 -10.85 -14.07
N ALA A 336 -3.76 -9.61 -13.98
CA ALA A 336 -2.81 -8.98 -14.92
C ALA A 336 -1.55 -8.51 -14.17
N THR A 337 -0.49 -8.27 -14.91
CA THR A 337 0.82 -7.79 -14.41
C THR A 337 0.62 -6.53 -13.58
N GLU A 338 -0.35 -5.66 -13.94
CA GLU A 338 -0.51 -4.32 -13.30
C GLU A 338 -1.05 -4.45 -11.87
N SER A 339 -1.62 -5.59 -11.48
CA SER A 339 -1.96 -5.92 -10.05
C SER A 339 -1.27 -7.21 -9.61
N MET A 340 -0.36 -7.73 -10.45
CA MET A 340 0.23 -9.10 -10.43
C MET A 340 -0.89 -10.15 -10.56
N ALA A 341 -1.89 -10.13 -9.68
CA ALA A 341 -3.02 -11.09 -9.70
C ALA A 341 -4.26 -10.47 -9.04
N CYS A 342 -5.36 -11.21 -9.02
CA CYS A 342 -6.70 -10.70 -8.63
C CYS A 342 -7.56 -11.79 -7.95
N SER A 343 -7.82 -12.92 -8.61
CA SER A 343 -8.71 -13.98 -8.09
C SER A 343 -8.12 -15.38 -8.29
N PHE A 344 -8.48 -16.31 -7.42
CA PHE A 344 -8.05 -17.72 -7.42
C PHE A 344 -9.27 -18.58 -7.11
N THR A 345 -9.77 -19.33 -8.08
CA THR A 345 -11.03 -20.12 -7.97
C THR A 345 -10.74 -21.59 -8.30
N GLU A 346 -10.98 -22.47 -7.32
CA GLU A 346 -10.93 -23.95 -7.50
C GLU A 346 -11.98 -24.34 -8.53
N VAL A 347 -11.61 -25.11 -9.54
CA VAL A 347 -12.58 -25.63 -10.55
C VAL A 347 -13.46 -26.70 -9.89
N PRO A 348 -14.76 -26.78 -10.28
CA PRO A 348 -15.65 -27.84 -9.84
C PRO A 348 -15.07 -29.22 -10.19
N ARG A 349 -15.34 -30.21 -9.35
CA ARG A 349 -14.69 -31.53 -9.29
C ARG A 349 -15.80 -32.56 -9.15
N PRO A 350 -16.28 -33.20 -10.24
CA PRO A 350 -15.78 -32.97 -11.60
C PRO A 350 -16.34 -31.69 -12.22
N ILE A 351 -15.76 -31.30 -13.35
CA ILE A 351 -16.25 -30.19 -14.22
C ILE A 351 -17.55 -30.66 -14.87
N PRO A 352 -18.66 -29.94 -14.68
CA PRO A 352 -19.87 -30.18 -15.45
C PRO A 352 -19.53 -30.25 -16.95
N SER A 353 -19.97 -31.34 -17.60
CA SER A 353 -19.55 -31.71 -18.98
C SER A 353 -20.17 -30.71 -19.97
N ASP A 354 -21.27 -30.07 -19.59
CA ASP A 354 -21.85 -28.93 -20.34
C ASP A 354 -21.76 -27.69 -19.46
N LEU A 355 -20.56 -27.42 -18.91
CA LEU A 355 -20.17 -26.07 -18.46
C LEU A 355 -19.70 -25.28 -19.69
N GLU A 356 -20.36 -24.17 -19.98
CA GLU A 356 -20.05 -23.26 -21.10
C GLU A 356 -18.75 -22.51 -20.77
N ARG A 357 -18.60 -21.97 -19.54
CA ARG A 357 -17.42 -21.18 -19.13
C ARG A 357 -17.04 -21.43 -17.66
N LEU A 358 -15.73 -21.49 -17.37
CA LEU A 358 -15.15 -21.55 -16.00
C LEU A 358 -15.29 -20.18 -15.30
N SER A 359 -15.58 -20.17 -14.00
CA SER A 359 -15.60 -18.98 -13.11
C SER A 359 -14.17 -18.53 -12.75
N ILE A 360 -13.92 -17.21 -12.81
CA ILE A 360 -12.73 -16.54 -12.20
C ILE A 360 -13.07 -16.09 -10.78
N GLY A 361 -14.26 -16.47 -10.29
CA GLY A 361 -14.62 -16.49 -8.86
C GLY A 361 -14.69 -15.12 -8.22
N PHE A 362 -14.08 -14.98 -7.05
CA PHE A 362 -14.15 -13.77 -6.19
C PHE A 362 -12.75 -13.21 -6.04
N PRO A 363 -12.58 -11.87 -6.11
CA PRO A 363 -11.31 -11.22 -5.77
C PRO A 363 -10.80 -11.67 -4.40
N LEU A 364 -9.47 -11.64 -4.23
CA LEU A 364 -8.82 -11.99 -2.95
C LEU A 364 -9.31 -11.04 -1.86
N PRO A 365 -9.35 -11.48 -0.58
CA PRO A 365 -9.69 -10.58 0.52
C PRO A 365 -8.80 -9.33 0.41
N GLY A 366 -9.40 -8.15 0.45
CA GLY A 366 -8.69 -6.87 0.31
C GLY A 366 -8.61 -6.42 -1.13
N PHE A 367 -9.26 -7.14 -2.05
CA PHE A 367 -9.39 -6.77 -3.47
C PHE A 367 -10.87 -6.62 -3.80
N ASP A 368 -11.23 -5.77 -4.76
CA ASP A 368 -12.67 -5.49 -5.04
C ASP A 368 -12.85 -5.11 -6.49
N VAL A 369 -13.90 -5.66 -7.13
CA VAL A 369 -14.16 -5.44 -8.57
C VAL A 369 -15.50 -4.75 -8.75
N SER A 370 -15.53 -3.70 -9.56
CA SER A 370 -16.77 -3.13 -10.12
C SER A 370 -16.85 -3.57 -11.58
N LEU A 371 -18.05 -3.92 -12.03
CA LEU A 371 -18.35 -4.11 -13.46
C LEU A 371 -19.04 -2.83 -13.91
N LEU A 372 -18.34 -2.02 -14.71
CA LEU A 372 -18.89 -0.76 -15.26
C LEU A 372 -19.14 -0.94 -16.76
N ASP A 373 -20.24 -0.35 -17.22
CA ASP A 373 -20.61 -0.27 -18.66
C ASP A 373 -19.70 0.76 -19.33
N GLU A 374 -20.03 1.14 -20.57
CA GLU A 374 -19.24 2.06 -21.44
C GLU A 374 -19.13 3.46 -20.80
N HIS A 375 -20.09 3.82 -19.94
CA HIS A 375 -20.24 5.17 -19.32
C HIS A 375 -19.68 5.21 -17.89
N GLY A 376 -19.07 4.11 -17.42
CA GLY A 376 -18.55 4.00 -16.04
C GLY A 376 -19.65 3.78 -15.02
N ARG A 377 -20.85 3.39 -15.46
CA ARG A 377 -22.01 3.10 -14.57
C ARG A 377 -22.01 1.62 -14.21
N PRO A 378 -22.37 1.26 -12.95
CA PRO A 378 -22.37 -0.13 -12.51
C PRO A 378 -23.29 -1.00 -13.37
N VAL A 379 -22.94 -2.27 -13.54
CA VAL A 379 -23.75 -3.31 -14.25
C VAL A 379 -24.31 -4.28 -13.20
N GLU A 380 -25.54 -4.05 -12.74
CA GLU A 380 -26.14 -4.81 -11.60
C GLU A 380 -26.97 -5.99 -12.13
N GLU A 381 -27.10 -6.12 -13.45
CA GLU A 381 -27.88 -7.18 -14.12
C GLU A 381 -26.95 -8.40 -14.31
N ILE A 382 -27.20 -9.47 -13.54
CA ILE A 382 -26.59 -10.83 -13.69
C ILE A 382 -26.47 -11.20 -15.18
N GLY A 383 -25.31 -11.71 -15.60
CA GLY A 383 -25.11 -12.23 -16.96
C GLY A 383 -24.81 -11.14 -17.99
N VAL A 384 -24.94 -9.86 -17.64
CA VAL A 384 -24.52 -8.73 -18.53
C VAL A 384 -23.03 -8.44 -18.30
N ALA A 385 -22.27 -8.25 -19.38
CA ALA A 385 -20.82 -8.01 -19.36
C ALA A 385 -20.54 -6.52 -19.13
N GLY A 386 -19.57 -6.23 -18.25
CA GLY A 386 -19.01 -4.88 -18.05
C GLY A 386 -17.50 -4.96 -17.98
N GLN A 387 -16.84 -3.80 -17.98
CA GLN A 387 -15.36 -3.74 -17.84
C GLN A 387 -15.03 -3.86 -16.35
N ILE A 388 -14.22 -4.85 -16.01
CA ILE A 388 -13.63 -5.01 -14.65
C ILE A 388 -12.87 -3.73 -14.33
N HIS A 389 -13.26 -3.03 -13.26
CA HIS A 389 -12.43 -2.00 -12.56
C HIS A 389 -11.99 -2.58 -11.21
N LEU A 390 -10.67 -2.66 -10.99
CA LEU A 390 -10.08 -3.36 -9.83
C LEU A 390 -9.56 -2.34 -8.81
N ARG A 391 -10.04 -2.45 -7.58
CA ARG A 391 -9.44 -1.83 -6.37
C ARG A 391 -8.59 -2.92 -5.71
N ALA A 392 -7.27 -2.69 -5.61
CA ALA A 392 -6.29 -3.69 -5.13
C ALA A 392 -5.18 -3.03 -4.32
N PRO A 393 -4.59 -3.72 -3.33
CA PRO A 393 -3.42 -3.22 -2.62
C PRO A 393 -2.09 -3.55 -3.33
N SER A 394 -2.19 -4.14 -4.53
CA SER A 394 -1.03 -4.67 -5.32
C SER A 394 -0.91 -3.90 -6.64
N MET A 395 -1.38 -2.64 -6.66
CA MET A 395 -1.43 -1.80 -7.88
C MET A 395 -0.02 -1.36 -8.32
N PHE A 396 0.26 -1.49 -9.61
CA PHE A 396 1.46 -0.94 -10.27
C PHE A 396 1.54 0.58 -10.02
N SER A 397 2.76 1.12 -9.96
CA SER A 397 3.07 2.57 -9.84
C SER A 397 2.74 3.30 -11.16
N GLY A 398 2.79 2.63 -12.30
CA GLY A 398 2.64 3.28 -13.61
C GLY A 398 3.37 2.54 -14.72
N TYR A 399 3.15 2.98 -15.95
CA TYR A 399 3.86 2.48 -17.15
C TYR A 399 5.15 3.29 -17.30
N TRP A 400 6.30 2.60 -17.35
CA TRP A 400 7.63 3.23 -17.54
C TRP A 400 7.56 4.30 -18.61
N ASP A 401 7.85 5.54 -18.24
CA ASP A 401 8.04 6.66 -19.19
C ASP A 401 6.80 6.88 -20.05
N ASP A 402 5.61 6.51 -19.59
CA ASP A 402 4.35 6.67 -20.37
C ASP A 402 3.24 7.15 -19.42
N PRO A 403 3.29 8.42 -18.97
CA PRO A 403 2.23 8.97 -18.11
C PRO A 403 0.84 9.02 -18.76
N GLU A 404 0.76 9.14 -20.10
CA GLU A 404 -0.53 9.25 -20.84
C GLU A 404 -1.22 7.90 -20.83
N ALA A 405 -0.48 6.82 -21.06
CA ALA A 405 -0.96 5.43 -20.97
C ALA A 405 -1.41 5.14 -19.54
N THR A 406 -0.65 5.61 -18.56
CA THR A 406 -0.93 5.38 -17.12
C THR A 406 -2.29 6.00 -16.77
N ALA A 407 -2.55 7.22 -17.27
CA ALA A 407 -3.77 8.02 -17.00
C ALA A 407 -5.01 7.39 -17.64
N ARG A 408 -4.83 6.58 -18.69
CA ARG A 408 -5.93 5.83 -19.37
C ARG A 408 -6.31 4.55 -18.60
N VAL A 409 -5.39 4.01 -17.79
CA VAL A 409 -5.53 2.67 -17.16
C VAL A 409 -5.71 2.81 -15.65
N LEU A 410 -4.89 3.64 -15.01
CA LEU A 410 -4.94 3.93 -13.56
C LEU A 410 -5.73 5.24 -13.37
N VAL A 411 -7.04 5.11 -13.13
CA VAL A 411 -8.02 6.22 -13.32
C VAL A 411 -8.73 6.54 -12.01
N SER A 412 -9.36 7.71 -11.97
CA SER A 412 -10.29 8.13 -10.90
C SER A 412 -11.40 7.08 -10.75
N ASP A 413 -11.52 6.44 -9.58
CA ASP A 413 -12.64 5.51 -9.22
C ASP A 413 -13.96 6.13 -9.68
N PRO A 414 -14.65 5.61 -10.72
CA PRO A 414 -15.93 6.18 -11.14
C PRO A 414 -17.06 6.16 -10.09
N LEU A 415 -16.94 5.37 -9.03
CA LEU A 415 -17.92 5.29 -7.91
C LEU A 415 -17.54 6.26 -6.78
N ASP A 416 -16.34 6.83 -6.83
CA ASP A 416 -15.80 7.81 -5.85
C ASP A 416 -14.82 8.72 -6.57
N PRO A 417 -15.29 9.45 -7.60
CA PRO A 417 -14.38 10.20 -8.48
C PRO A 417 -13.66 11.37 -7.77
N ARG A 418 -14.15 11.84 -6.63
CA ARG A 418 -13.65 13.09 -5.99
C ARG A 418 -12.54 12.84 -4.97
N SER A 419 -12.38 11.62 -4.47
CA SER A 419 -11.38 11.26 -3.43
C SER A 419 -9.97 11.31 -4.01
N GLY A 420 -9.82 11.08 -5.32
CA GLY A 420 -8.52 10.81 -5.94
C GLY A 420 -8.09 9.35 -5.79
N ARG A 421 -8.85 8.50 -5.10
CA ARG A 421 -8.75 7.00 -5.18
C ARG A 421 -8.53 6.63 -6.64
N THR A 422 -7.57 5.76 -6.98
CA THR A 422 -7.47 5.22 -8.36
C THR A 422 -7.76 3.71 -8.37
N VAL A 423 -8.31 3.26 -9.50
CA VAL A 423 -8.66 1.84 -9.78
C VAL A 423 -8.02 1.44 -11.10
N LEU A 424 -7.75 0.15 -11.28
CA LEU A 424 -7.33 -0.43 -12.58
C LEU A 424 -8.57 -0.56 -13.50
N ARG A 425 -8.62 0.25 -14.56
CA ARG A 425 -9.46 0.07 -15.78
C ARG A 425 -8.79 -1.04 -16.59
N SER A 426 -9.31 -2.27 -16.49
CA SER A 426 -8.56 -3.53 -16.70
C SER A 426 -8.39 -3.87 -18.19
N GLY A 427 -9.32 -3.42 -19.04
CA GLY A 427 -9.38 -3.85 -20.46
C GLY A 427 -9.98 -5.24 -20.61
N ASP A 428 -10.30 -5.90 -19.50
CA ASP A 428 -11.01 -7.21 -19.42
C ASP A 428 -12.52 -6.95 -19.26
N LEU A 429 -13.35 -7.64 -20.04
CA LEU A 429 -14.82 -7.75 -19.84
C LEU A 429 -15.07 -8.96 -18.95
N ALA A 430 -16.12 -8.90 -18.14
CA ALA A 430 -16.56 -10.00 -17.28
C ALA A 430 -18.04 -9.77 -16.97
N TYR A 431 -18.72 -10.84 -16.53
CA TYR A 431 -20.11 -10.82 -16.03
C TYR A 431 -20.17 -11.65 -14.76
N ARG A 432 -21.25 -11.50 -14.01
CA ARG A 432 -21.48 -12.20 -12.73
C ARG A 432 -22.57 -13.24 -12.92
N GLY A 433 -22.50 -14.31 -12.14
CA GLY A 433 -23.57 -15.29 -11.95
C GLY A 433 -24.46 -14.91 -10.78
N GLU A 434 -25.40 -15.79 -10.43
CA GLU A 434 -26.44 -15.53 -9.41
C GLU A 434 -25.79 -15.31 -8.04
N ASP A 435 -24.59 -15.86 -7.80
CA ASP A 435 -23.89 -15.89 -6.49
C ASP A 435 -22.76 -14.84 -6.48
N GLY A 436 -22.73 -13.96 -7.48
CA GLY A 436 -21.75 -12.87 -7.61
C GLY A 436 -20.40 -13.29 -8.13
N GLU A 437 -20.21 -14.56 -8.53
CA GLU A 437 -18.95 -15.05 -9.17
C GLU A 437 -18.71 -14.28 -10.46
N LEU A 438 -17.46 -14.17 -10.86
CA LEU A 438 -17.09 -13.53 -12.14
C LEU A 438 -16.85 -14.61 -13.20
N TYR A 439 -17.09 -14.24 -14.45
CA TYR A 439 -16.72 -15.03 -15.65
C TYR A 439 -16.04 -14.07 -16.61
N PHE A 440 -14.77 -14.35 -16.94
CA PHE A 440 -13.98 -13.61 -17.96
C PHE A 440 -14.74 -13.71 -19.29
N ALA A 441 -14.94 -12.59 -19.97
CA ALA A 441 -15.73 -12.51 -21.21
C ALA A 441 -14.88 -11.86 -22.31
N GLY A 442 -13.56 -11.96 -22.19
CA GLY A 442 -12.60 -11.45 -23.20
C GLY A 442 -12.25 -10.00 -22.98
N ARG A 443 -11.46 -9.44 -23.89
CA ARG A 443 -10.91 -8.06 -23.80
C ARG A 443 -11.90 -7.06 -24.43
N VAL A 444 -11.96 -5.82 -23.94
CA VAL A 444 -12.78 -4.75 -24.59
C VAL A 444 -12.27 -4.57 -26.03
N ASP A 445 -10.94 -4.53 -26.22
CA ASP A 445 -10.28 -4.09 -27.48
C ASP A 445 -10.35 -5.17 -28.57
N ALA A 446 -10.78 -6.40 -28.24
CA ALA A 446 -10.76 -7.59 -29.15
C ALA A 446 -12.10 -7.79 -29.89
N GLN A 447 -13.19 -7.19 -29.39
CA GLN A 447 -14.53 -7.25 -30.03
C GLN A 447 -14.54 -6.25 -31.20
N VAL A 448 -14.91 -6.71 -32.41
CA VAL A 448 -14.86 -5.91 -33.67
C VAL A 448 -15.97 -6.39 -34.62
N VAL A 460 -17.01 -17.59 -30.77
CA VAL A 460 -16.76 -18.54 -31.89
C VAL A 460 -15.77 -19.62 -31.42
N GLU A 461 -14.69 -19.22 -30.74
CA GLU A 461 -13.69 -20.16 -30.19
C GLU A 461 -14.41 -21.28 -29.44
N ARG A 462 -15.28 -20.93 -28.49
CA ARG A 462 -15.80 -21.90 -27.49
C ARG A 462 -17.05 -22.61 -28.04
N ARG A 463 -17.63 -22.13 -29.15
CA ARG A 463 -18.76 -22.82 -29.85
C ARG A 463 -18.20 -23.82 -30.88
N LEU A 464 -16.88 -23.83 -31.09
CA LEU A 464 -16.16 -24.86 -31.90
C LEU A 464 -15.64 -25.98 -30.99
N LEU A 465 -15.28 -25.63 -29.74
CA LEU A 465 -14.93 -26.59 -28.66
C LEU A 465 -16.10 -27.55 -28.37
N GLU A 466 -17.34 -27.18 -28.72
CA GLU A 466 -18.57 -28.00 -28.54
C GLU A 466 -18.59 -29.16 -29.55
N PHE A 467 -18.04 -28.94 -30.76
CA PHE A 467 -17.87 -29.90 -31.88
C PHE A 467 -16.94 -31.04 -31.43
N PRO A 468 -17.32 -32.33 -31.60
CA PRO A 468 -16.47 -33.45 -31.19
C PRO A 468 -15.10 -33.51 -31.89
N GLY A 469 -14.06 -33.87 -31.13
CA GLY A 469 -12.66 -33.98 -31.63
C GLY A 469 -11.89 -32.68 -31.59
N ILE A 470 -12.57 -31.54 -31.39
CA ILE A 470 -11.94 -30.19 -31.23
C ILE A 470 -11.53 -30.01 -29.76
N SER A 471 -10.22 -29.95 -29.48
CA SER A 471 -9.63 -29.89 -28.12
C SER A 471 -9.07 -28.49 -27.81
N ALA A 472 -8.82 -27.68 -28.86
CA ALA A 472 -8.42 -26.25 -28.74
C ALA A 472 -8.68 -25.52 -30.07
N ALA A 473 -9.26 -24.32 -29.97
CA ALA A 473 -9.75 -23.50 -31.12
C ALA A 473 -9.26 -22.05 -30.98
N VAL A 474 -8.58 -21.52 -32.00
CA VAL A 474 -8.25 -20.07 -32.09
C VAL A 474 -9.03 -19.49 -33.28
N ALA A 475 -9.82 -18.44 -33.03
CA ALA A 475 -10.47 -17.57 -34.05
C ALA A 475 -9.82 -16.18 -34.02
N LEU A 476 -9.60 -15.55 -35.17
CA LEU A 476 -9.08 -14.15 -35.23
C LEU A 476 -9.51 -13.45 -36.53
N LEU A 477 -9.27 -12.13 -36.61
CA LEU A 477 -9.65 -11.24 -37.74
C LEU A 477 -8.38 -10.57 -38.31
N LEU A 487 -12.11 -13.19 -41.08
CA LEU A 487 -12.37 -14.11 -39.94
C LEU A 487 -11.90 -15.54 -40.32
N HIS A 488 -10.69 -15.92 -39.90
CA HIS A 488 -10.14 -17.30 -39.97
C HIS A 488 -10.35 -17.97 -38.61
N ALA A 489 -10.30 -19.31 -38.57
CA ALA A 489 -10.26 -20.11 -37.32
C ALA A 489 -9.25 -21.25 -37.49
N PHE A 490 -8.48 -21.54 -36.43
CA PHE A 490 -7.46 -22.62 -36.39
C PHE A 490 -7.77 -23.51 -35.18
N VAL A 491 -7.83 -24.83 -35.37
CA VAL A 491 -8.43 -25.79 -34.40
C VAL A 491 -7.55 -27.05 -34.26
N VAL A 492 -7.33 -27.48 -33.01
CA VAL A 492 -6.59 -28.72 -32.64
C VAL A 492 -7.57 -29.91 -32.59
N VAL A 493 -7.36 -30.92 -33.45
CA VAL A 493 -8.06 -32.24 -33.48
C VAL A 493 -7.04 -33.31 -33.02
N ALA A 520 -15.40 -18.01 -41.95
CA ALA A 520 -15.27 -18.29 -43.41
C ALA A 520 -14.32 -19.45 -43.66
N ASN A 521 -12.99 -19.25 -43.48
CA ASN A 521 -11.95 -20.32 -43.56
C ASN A 521 -11.79 -20.98 -42.18
N ILE A 522 -11.42 -22.26 -42.15
CA ILE A 522 -11.11 -23.07 -40.91
C ILE A 522 -9.98 -24.06 -41.23
N VAL A 523 -8.82 -23.88 -40.60
CA VAL A 523 -7.60 -24.74 -40.78
C VAL A 523 -7.37 -25.56 -39.51
N ALA A 524 -7.65 -26.87 -39.56
CA ALA A 524 -7.15 -27.87 -38.60
C ALA A 524 -5.62 -27.80 -38.53
N VAL A 525 -5.05 -27.77 -37.32
CA VAL A 525 -3.58 -28.00 -37.13
C VAL A 525 -3.33 -28.92 -35.93
N ASP A 526 -2.08 -29.39 -35.87
CA ASP A 526 -1.45 -30.28 -34.84
C ASP A 526 -1.43 -29.57 -33.47
N ASP A 527 -0.65 -28.49 -33.35
CA ASP A 527 -0.50 -27.63 -32.14
C ASP A 527 -0.74 -26.16 -32.51
N ILE A 528 -0.98 -25.35 -31.48
CA ILE A 528 -1.05 -23.87 -31.56
C ILE A 528 0.35 -23.34 -31.30
N PRO A 529 0.85 -22.36 -32.08
CA PRO A 529 2.11 -21.69 -31.75
C PRO A 529 1.99 -20.83 -30.47
N LEU A 530 3.09 -20.70 -29.73
CA LEU A 530 3.13 -20.06 -28.40
C LEU A 530 4.08 -18.86 -28.42
N THR A 531 3.71 -17.81 -27.70
CA THR A 531 4.61 -16.70 -27.29
C THR A 531 5.69 -17.30 -26.38
N VAL A 532 6.77 -16.58 -26.13
CA VAL A 532 7.85 -17.01 -25.19
C VAL A 532 7.22 -17.37 -23.82
N ASN A 533 6.17 -16.64 -23.40
CA ASN A 533 5.50 -16.78 -22.09
C ASN A 533 4.50 -17.97 -22.13
N GLY A 534 4.25 -18.57 -23.29
CA GLY A 534 3.48 -19.83 -23.41
C GLY A 534 2.00 -19.63 -23.71
N LYS A 535 1.61 -18.44 -24.20
CA LYS A 535 0.21 -18.10 -24.59
C LYS A 535 0.00 -18.33 -26.10
N VAL A 536 -1.25 -18.38 -26.54
CA VAL A 536 -1.62 -18.45 -27.98
C VAL A 536 -0.92 -17.29 -28.71
N ASP A 537 0.02 -17.58 -29.62
CA ASP A 537 0.70 -16.57 -30.48
C ASP A 537 -0.25 -16.20 -31.61
N ARG A 538 -1.24 -15.35 -31.32
CA ARG A 538 -2.26 -14.93 -32.32
C ARG A 538 -1.57 -14.20 -33.49
N ALA A 539 -0.53 -13.42 -33.22
CA ALA A 539 0.22 -12.68 -34.26
C ALA A 539 0.81 -13.66 -35.29
N ASP A 540 1.33 -14.80 -34.81
CA ASP A 540 1.99 -15.85 -35.63
C ASP A 540 0.97 -16.56 -36.52
N LEU A 541 -0.19 -16.90 -35.96
CA LEU A 541 -1.33 -17.50 -36.73
C LEU A 541 -1.81 -16.49 -37.79
N ALA A 542 -1.86 -15.20 -37.46
CA ALA A 542 -2.42 -14.16 -38.36
C ALA A 542 -1.67 -14.17 -39.69
N THR A 543 -0.38 -14.57 -39.68
CA THR A 543 0.53 -14.45 -40.84
C THR A 543 0.51 -15.73 -41.68
N ARG A 544 -0.44 -16.66 -41.51
CA ARG A 544 -0.54 -17.89 -42.36
C ARG A 544 -2.01 -18.26 -42.57
N ARG B 25 -26.40 -7.33 5.44
CA ARG B 25 -26.23 -6.91 4.00
C ARG B 25 -25.16 -5.80 3.82
N ALA B 26 -24.76 -5.09 4.88
CA ALA B 26 -23.69 -4.08 4.86
C ALA B 26 -22.32 -4.75 4.80
N ALA B 27 -21.43 -4.23 3.95
CA ALA B 27 -20.01 -4.66 3.87
C ALA B 27 -19.32 -4.33 5.20
N ARG B 28 -18.54 -5.29 5.71
CA ARG B 28 -17.62 -5.16 6.87
C ARG B 28 -16.20 -5.45 6.37
N ALA B 29 -15.23 -4.62 6.75
CA ALA B 29 -13.80 -4.83 6.44
C ALA B 29 -13.38 -6.16 7.08
N ARG B 30 -12.62 -7.00 6.37
CA ARG B 30 -12.15 -8.30 6.91
C ARG B 30 -10.94 -8.02 7.81
N GLU B 31 -10.69 -8.93 8.77
CA GLU B 31 -9.57 -8.92 9.77
C GLU B 31 -8.21 -8.74 9.08
N SER B 32 -8.02 -9.30 7.88
CA SER B 32 -6.71 -9.36 7.18
C SER B 32 -6.43 -8.06 6.42
N VAL B 33 -7.39 -7.12 6.40
CA VAL B 33 -7.35 -5.89 5.56
C VAL B 33 -7.12 -4.66 6.45
N ASP B 34 -6.10 -3.87 6.12
CA ASP B 34 -5.75 -2.60 6.80
C ASP B 34 -7.05 -1.85 7.06
N ASN B 35 -7.41 -1.70 8.32
CA ASN B 35 -8.65 -1.00 8.72
C ASN B 35 -8.51 -0.58 10.19
N LEU B 36 -8.89 0.67 10.49
CA LEU B 36 -8.79 1.26 11.85
C LEU B 36 -9.47 0.34 12.87
N TYR B 37 -10.63 -0.24 12.54
CA TYR B 37 -11.42 -1.10 13.48
C TYR B 37 -10.51 -2.20 14.04
N TRP B 38 -9.89 -3.00 13.16
CA TRP B 38 -9.07 -4.17 13.56
C TRP B 38 -7.79 -3.66 14.23
N PHE B 39 -7.16 -2.62 13.68
CA PHE B 39 -5.88 -2.09 14.21
C PHE B 39 -6.07 -1.61 15.66
N MET B 40 -7.07 -0.77 15.90
CA MET B 40 -7.27 -0.08 17.20
C MET B 40 -7.92 -1.01 18.24
N LEU B 41 -8.60 -2.10 17.85
CA LEU B 41 -9.35 -2.99 18.81
C LEU B 41 -8.65 -4.34 19.02
N ALA B 42 -7.49 -4.59 18.42
CA ALA B 42 -6.75 -5.87 18.62
C ALA B 42 -6.59 -6.17 20.11
N ALA B 43 -6.41 -5.15 20.95
CA ALA B 43 -6.19 -5.27 22.41
C ALA B 43 -7.44 -5.82 23.12
N ALA B 44 -8.61 -5.79 22.47
CA ALA B 44 -9.87 -6.32 23.04
C ALA B 44 -9.80 -7.85 23.03
N ASN B 45 -9.19 -8.43 22.00
CA ASN B 45 -8.85 -9.88 21.91
C ASN B 45 -7.84 -10.25 23.00
N SER B 46 -6.71 -9.52 23.07
CA SER B 46 -5.49 -9.91 23.83
C SER B 46 -5.53 -9.43 25.29
N ALA B 47 -6.31 -8.39 25.61
CA ALA B 47 -6.34 -7.79 26.96
C ALA B 47 -7.64 -7.02 27.15
N PRO B 48 -8.81 -7.69 27.07
CA PRO B 48 -10.11 -7.02 27.06
C PRO B 48 -10.35 -6.09 28.26
N ASP B 49 -9.71 -6.39 29.39
CA ASP B 49 -10.01 -5.75 30.69
C ASP B 49 -8.95 -4.70 31.04
N THR B 50 -8.00 -4.42 30.13
CA THR B 50 -7.06 -3.26 30.25
C THR B 50 -7.82 -1.98 29.85
N PRO B 51 -7.51 -0.83 30.49
CA PRO B 51 -8.25 0.39 30.23
C PRO B 51 -7.79 1.02 28.91
N ALA B 52 -8.77 1.39 28.08
CA ALA B 52 -8.59 2.03 26.77
C ALA B 52 -8.82 3.54 26.93
N PHE B 53 -9.76 3.93 27.80
CA PHE B 53 -10.04 5.34 28.19
C PHE B 53 -9.99 5.55 29.71
N VAL B 54 -9.52 6.72 30.12
CA VAL B 54 -9.65 7.33 31.48
C VAL B 54 -10.25 8.72 31.29
N THR B 55 -11.43 8.98 31.86
CA THR B 55 -12.16 10.28 31.72
C THR B 55 -12.70 10.75 33.08
N ARG B 56 -13.30 11.95 33.11
CA ARG B 56 -13.89 12.59 34.32
C ARG B 56 -15.35 12.96 34.02
N GLY B 61 -14.37 12.37 40.06
CA GLY B 61 -14.84 11.07 39.56
C GLY B 61 -14.05 10.62 38.35
N VAL B 62 -13.02 9.79 38.58
CA VAL B 62 -12.10 9.22 37.54
C VAL B 62 -12.57 7.81 37.16
N ARG B 63 -13.08 7.63 35.93
CA ARG B 63 -13.69 6.37 35.43
C ARG B 63 -12.89 5.87 34.21
N THR B 64 -12.64 4.56 34.16
CA THR B 64 -12.00 3.86 33.01
C THR B 64 -13.07 3.26 32.09
N LEU B 65 -12.70 3.01 30.83
CA LEU B 65 -13.47 2.15 29.91
C LEU B 65 -12.53 1.09 29.36
N SER B 66 -12.93 -0.19 29.42
CA SER B 66 -12.10 -1.34 28.98
C SER B 66 -12.09 -1.41 27.46
N TYR B 67 -11.07 -2.03 26.85
CA TYR B 67 -11.02 -2.36 25.40
C TYR B 67 -12.28 -3.16 25.04
N ARG B 68 -12.68 -4.07 25.94
CA ARG B 68 -13.90 -4.90 25.77
C ARG B 68 -15.13 -4.00 25.62
N GLU B 69 -15.37 -3.09 26.56
CA GLU B 69 -16.55 -2.17 26.56
C GLU B 69 -16.47 -1.25 25.34
N LEU B 70 -15.28 -0.76 25.02
CA LEU B 70 -15.06 0.09 23.82
C LEU B 70 -15.54 -0.68 22.59
N ARG B 71 -15.15 -1.96 22.46
CA ARG B 71 -15.48 -2.77 21.25
C ARG B 71 -16.99 -2.97 21.16
N THR B 72 -17.62 -3.38 22.26
CA THR B 72 -19.09 -3.53 22.36
C THR B 72 -19.77 -2.24 21.89
N ARG B 73 -19.23 -1.08 22.26
CA ARG B 73 -19.76 0.24 21.85
C ARG B 73 -19.63 0.40 20.33
N VAL B 74 -18.44 0.14 19.77
CA VAL B 74 -18.18 0.26 18.31
C VAL B 74 -19.20 -0.64 17.58
N ASP B 75 -19.37 -1.88 18.05
CA ASP B 75 -20.18 -2.96 17.37
C ASP B 75 -21.65 -2.54 17.36
N ASP B 76 -22.16 -2.00 18.48
CA ASP B 76 -23.55 -1.50 18.57
C ASP B 76 -23.75 -0.39 17.53
N PHE B 77 -22.86 0.62 17.53
CA PHE B 77 -22.86 1.76 16.59
C PHE B 77 -22.81 1.24 15.14
N ALA B 78 -22.00 0.22 14.86
CA ALA B 78 -21.88 -0.42 13.52
C ALA B 78 -23.22 -1.08 13.10
N ALA B 79 -23.88 -1.80 13.99
CA ALA B 79 -25.20 -2.41 13.71
C ALA B 79 -26.21 -1.31 13.32
N ALA B 80 -26.27 -0.23 14.10
CA ALA B 80 -27.18 0.93 13.86
C ALA B 80 -26.82 1.59 12.51
N LEU B 81 -25.54 1.84 12.24
CA LEU B 81 -25.06 2.46 10.97
C LEU B 81 -25.42 1.58 9.76
N ALA B 82 -25.20 0.27 9.88
CA ALA B 82 -25.45 -0.72 8.81
C ALA B 82 -26.90 -0.60 8.31
N GLU B 83 -27.85 -0.30 9.20
CA GLU B 83 -29.31 -0.24 8.89
C GLU B 83 -29.64 0.95 7.98
N LEU B 84 -28.76 1.94 7.86
CA LEU B 84 -29.02 3.19 7.08
C LEU B 84 -28.81 2.95 5.58
N GLY B 85 -28.24 1.80 5.21
CA GLY B 85 -28.03 1.41 3.80
C GLY B 85 -26.98 2.26 3.12
N LEU B 86 -25.98 2.75 3.83
CA LEU B 86 -24.89 3.54 3.18
C LEU B 86 -23.97 2.58 2.42
N ASP B 87 -23.55 2.99 1.21
CA ASP B 87 -22.55 2.29 0.38
C ASP B 87 -21.16 2.59 0.94
N VAL B 88 -20.17 1.75 0.62
CA VAL B 88 -18.74 2.02 0.94
C VAL B 88 -18.35 3.29 0.16
N ASP B 89 -17.66 4.22 0.84
CA ASP B 89 -17.17 5.54 0.32
C ASP B 89 -18.18 6.64 0.66
N ASP B 90 -19.37 6.31 1.16
CA ASP B 90 -20.37 7.30 1.63
C ASP B 90 -19.84 7.94 2.92
N ARG B 91 -20.03 9.26 3.02
CA ARG B 91 -19.32 10.10 4.02
C ARG B 91 -20.22 10.45 5.20
N VAL B 92 -19.64 10.38 6.40
CA VAL B 92 -20.30 10.70 7.70
C VAL B 92 -19.50 11.83 8.33
N VAL B 93 -20.13 13.00 8.50
CA VAL B 93 -19.55 14.11 9.31
C VAL B 93 -19.72 13.73 10.78
N LEU B 94 -18.63 13.70 11.53
CA LEU B 94 -18.59 13.42 12.98
C LEU B 94 -18.28 14.73 13.72
N GLU B 95 -19.29 15.41 14.26
CA GLU B 95 -19.09 16.68 15.01
C GLU B 95 -19.02 16.37 16.51
N ALA B 96 -17.82 16.45 17.06
CA ALA B 96 -17.51 15.98 18.42
C ALA B 96 -16.07 16.31 18.73
N ASN B 97 -15.69 16.26 20.00
CA ASN B 97 -14.26 16.26 20.42
C ASN B 97 -13.90 14.81 20.73
N VAL B 98 -12.69 14.58 21.19
CA VAL B 98 -12.20 13.22 21.52
C VAL B 98 -12.96 12.71 22.75
N THR B 99 -13.96 11.86 22.54
CA THR B 99 -14.72 11.16 23.61
C THR B 99 -14.74 9.68 23.29
N PRO B 100 -15.02 8.79 24.28
CA PRO B 100 -15.21 7.37 24.01
C PRO B 100 -16.28 7.13 22.92
N ASP B 101 -17.36 7.91 22.96
CA ASP B 101 -18.51 7.80 22.03
C ASP B 101 -18.05 8.19 20.62
N ALA B 102 -17.29 9.29 20.50
CA ALA B 102 -16.83 9.82 19.19
C ALA B 102 -15.83 8.84 18.55
N VAL B 103 -15.01 8.17 19.36
CA VAL B 103 -13.99 7.18 18.89
C VAL B 103 -14.71 5.89 18.48
N ALA B 104 -15.73 5.45 19.23
CA ALA B 104 -16.54 4.27 18.88
C ALA B 104 -17.22 4.50 17.53
N MET B 105 -17.71 5.72 17.29
CA MET B 105 -18.34 6.12 15.99
C MET B 105 -17.32 5.98 14.84
N LEU B 106 -16.15 6.63 14.94
CA LEU B 106 -15.17 6.60 13.82
C LEU B 106 -14.70 5.17 13.59
N LEU B 107 -14.67 4.31 14.61
CA LEU B 107 -14.25 2.89 14.44
C LEU B 107 -15.38 2.07 13.78
N ALA B 108 -16.63 2.44 14.01
CA ALA B 108 -17.80 1.76 13.40
C ALA B 108 -17.90 2.20 11.93
N CYS B 109 -17.69 3.48 11.64
CA CYS B 109 -17.60 4.05 10.28
C CYS B 109 -16.48 3.34 9.49
N SER B 110 -15.35 3.13 10.18
CA SER B 110 -14.13 2.44 9.69
C SER B 110 -14.47 1.02 9.22
N LEU B 111 -15.13 0.24 10.08
CA LEU B 111 -15.51 -1.18 9.83
C LEU B 111 -16.39 -1.27 8.57
N LEU B 112 -17.27 -0.30 8.37
CA LEU B 112 -18.28 -0.26 7.26
C LEU B 112 -17.72 0.48 6.04
N GLY B 113 -16.43 0.82 6.00
CA GLY B 113 -15.86 1.55 4.85
C GLY B 113 -16.53 2.92 4.59
N LEU B 114 -17.10 3.54 5.62
CA LEU B 114 -17.75 4.88 5.56
C LEU B 114 -16.74 5.93 6.05
N PRO B 115 -16.12 6.72 5.13
CA PRO B 115 -15.15 7.74 5.52
C PRO B 115 -15.72 8.79 6.48
N PHE B 116 -15.06 9.00 7.62
CA PHE B 116 -15.51 9.97 8.65
C PHE B 116 -14.85 11.32 8.35
N ILE B 117 -15.63 12.38 8.49
CA ILE B 117 -15.17 13.79 8.38
C ILE B 117 -15.26 14.39 9.78
N PRO B 118 -14.15 14.42 10.55
CA PRO B 118 -14.21 14.92 11.92
C PRO B 118 -14.33 16.45 11.88
N VAL B 119 -15.29 17.00 12.63
CA VAL B 119 -15.56 18.47 12.68
C VAL B 119 -15.67 18.91 14.15
N SER B 120 -14.97 19.98 14.52
CA SER B 120 -15.00 20.49 15.92
C SER B 120 -16.32 21.21 16.14
N PRO B 121 -16.98 21.00 17.31
CA PRO B 121 -18.27 21.63 17.58
C PRO B 121 -18.19 23.17 17.66
N GLU B 122 -17.00 23.74 17.80
CA GLU B 122 -16.80 25.21 17.79
C GLU B 122 -16.46 25.67 16.35
N THR B 123 -16.95 24.97 15.35
CA THR B 123 -16.81 25.36 13.91
C THR B 123 -18.02 26.20 13.55
N PRO B 124 -17.85 27.43 13.01
CA PRO B 124 -19.00 28.25 12.63
C PRO B 124 -19.91 27.52 11.63
N SER B 125 -21.23 27.70 11.78
CA SER B 125 -22.28 27.19 10.86
C SER B 125 -21.90 27.45 9.40
N GLY B 126 -21.29 28.60 9.11
CA GLY B 126 -20.82 28.97 7.76
C GLY B 126 -19.83 27.96 7.20
N ARG B 127 -18.85 27.53 8.02
CA ARG B 127 -17.77 26.59 7.58
C ARG B 127 -18.31 25.15 7.52
N LEU B 128 -19.24 24.76 8.40
CA LEU B 128 -19.89 23.42 8.32
C LEU B 128 -20.66 23.31 7.00
N ARG B 129 -21.44 24.31 6.63
CA ARG B 129 -22.19 24.33 5.34
C ARG B 129 -21.23 24.18 4.16
N SER B 130 -20.06 24.82 4.22
CA SER B 130 -19.02 24.76 3.15
C SER B 130 -18.54 23.30 3.00
N ILE B 131 -18.24 22.63 4.12
CA ILE B 131 -17.85 21.18 4.16
C ILE B 131 -19.01 20.33 3.63
N LEU B 132 -20.24 20.59 4.08
CA LEU B 132 -21.44 19.84 3.64
C LEU B 132 -21.68 20.02 2.12
N ASP B 133 -21.38 21.19 1.55
CA ASP B 133 -21.59 21.46 0.10
C ASP B 133 -20.55 20.70 -0.74
N THR B 134 -19.30 20.63 -0.31
CA THR B 134 -18.20 19.93 -1.02
C THR B 134 -18.29 18.41 -0.79
N ALA B 135 -18.35 17.99 0.47
CA ALA B 135 -18.27 16.57 0.88
C ALA B 135 -19.56 15.83 0.49
N GLU B 136 -20.69 16.54 0.45
CA GLU B 136 -22.03 15.92 0.21
C GLU B 136 -22.11 14.62 0.99
N PRO B 137 -21.97 14.69 2.33
CA PRO B 137 -22.03 13.50 3.14
C PRO B 137 -23.47 12.96 3.13
N ALA B 138 -23.62 11.69 3.46
CA ALA B 138 -24.94 11.03 3.56
C ALA B 138 -25.51 11.27 4.97
N LEU B 139 -24.65 11.41 5.98
CA LEU B 139 -25.04 11.46 7.40
C LEU B 139 -24.18 12.48 8.14
N PHE B 140 -24.80 13.22 9.07
CA PHE B 140 -24.15 14.09 10.07
C PHE B 140 -24.49 13.56 11.46
N ALA B 141 -23.48 13.18 12.24
CA ALA B 141 -23.66 12.61 13.61
C ALA B 141 -23.01 13.53 14.65
N GLN B 142 -23.73 13.83 15.73
CA GLN B 142 -23.15 14.58 16.88
C GLN B 142 -23.55 13.87 18.17
N ALA B 143 -22.95 14.32 19.27
CA ALA B 143 -23.21 13.83 20.64
C ALA B 143 -24.67 14.11 21.00
N GLU B 144 -25.21 13.35 21.95
CA GLU B 144 -26.58 13.55 22.48
C GLU B 144 -26.73 15.01 22.94
N ASP B 145 -25.76 15.53 23.71
CA ASP B 145 -25.82 16.91 24.30
C ASP B 145 -25.35 17.97 23.28
N GLY B 146 -24.79 17.57 22.13
CA GLY B 146 -24.31 18.53 21.11
C GLY B 146 -25.39 19.49 20.67
N GLY B 147 -25.04 20.68 20.23
CA GLY B 147 -26.03 21.73 19.94
C GLY B 147 -25.87 22.31 18.55
N ARG B 148 -25.61 21.47 17.55
CA ARG B 148 -25.76 21.87 16.14
C ARG B 148 -27.22 21.64 15.73
N ALA B 149 -27.85 22.70 15.23
CA ALA B 149 -29.26 22.71 14.80
C ALA B 149 -29.32 23.17 13.34
N ASP B 150 -30.43 22.88 12.67
CA ASP B 150 -30.70 23.31 11.26
C ASP B 150 -29.51 22.93 10.36
N VAL B 151 -28.97 21.72 10.53
CA VAL B 151 -28.19 21.01 9.47
C VAL B 151 -29.13 20.81 8.29
N PRO B 152 -28.73 21.07 7.02
CA PRO B 152 -29.66 21.01 5.89
C PRO B 152 -30.35 19.65 5.69
N ALA B 153 -31.53 19.65 5.06
CA ALA B 153 -32.43 18.48 4.92
C ALA B 153 -31.91 17.48 3.88
N THR B 154 -31.00 17.91 3.00
CA THR B 154 -30.29 17.06 2.00
C THR B 154 -29.46 15.98 2.72
N VAL B 155 -29.05 16.24 3.97
CA VAL B 155 -28.13 15.36 4.76
C VAL B 155 -28.92 14.71 5.90
N GLY B 156 -28.68 13.42 6.16
CA GLY B 156 -29.23 12.69 7.32
C GLY B 156 -28.58 13.21 8.59
N THR B 157 -29.30 13.13 9.71
CA THR B 157 -28.79 13.55 11.04
C THR B 157 -29.03 12.41 12.02
N ALA B 158 -28.09 12.24 12.96
CA ALA B 158 -28.14 11.25 14.06
C ALA B 158 -27.45 11.81 15.30
N ARG B 159 -27.58 11.10 16.41
CA ARG B 159 -26.99 11.45 17.72
C ARG B 159 -26.50 10.18 18.40
N PHE B 160 -25.31 10.23 19.00
CA PHE B 160 -24.68 9.05 19.65
C PHE B 160 -24.47 9.33 21.13
N GLY B 161 -24.54 8.24 21.90
CA GLY B 161 -24.29 8.17 23.36
C GLY B 161 -24.06 6.74 23.77
N ALA B 162 -23.68 6.49 25.02
CA ALA B 162 -23.57 5.12 25.60
C ALA B 162 -24.89 4.37 25.36
N GLY B 163 -26.03 5.08 25.41
CA GLY B 163 -27.38 4.56 25.10
C GLY B 163 -27.47 3.93 23.72
N GLY B 164 -26.84 4.54 22.71
CA GLY B 164 -26.76 4.04 21.32
C GLY B 164 -26.73 5.15 20.30
N LEU B 165 -26.67 4.81 19.01
CA LEU B 165 -26.85 5.76 17.88
C LEU B 165 -28.34 5.86 17.58
N ARG B 166 -28.90 7.07 17.67
CA ARG B 166 -30.34 7.37 17.43
C ARG B 166 -30.41 8.28 16.20
N VAL B 167 -31.15 7.87 15.19
CA VAL B 167 -31.34 8.62 13.90
C VAL B 167 -32.51 9.59 14.08
N GLU B 168 -32.27 10.88 13.88
CA GLU B 168 -33.33 11.91 13.82
C GLU B 168 -33.95 11.83 12.42
N ARG B 169 -33.14 12.10 11.38
CA ARG B 169 -33.55 12.06 9.95
C ARG B 169 -32.67 11.07 9.18
N ALA B 170 -33.27 10.02 8.62
CA ALA B 170 -32.57 8.91 7.93
C ALA B 170 -31.98 9.43 6.63
N PRO B 171 -30.75 9.01 6.24
CA PRO B 171 -30.22 9.29 4.92
C PRO B 171 -31.15 8.74 3.82
N ARG B 172 -31.12 9.38 2.64
CA ARG B 172 -31.73 8.89 1.38
C ARG B 172 -31.53 7.37 1.26
N ALA B 173 -32.51 6.63 0.76
CA ALA B 173 -32.30 5.24 0.26
C ALA B 173 -31.37 5.32 -0.97
N ARG B 174 -30.58 4.27 -1.20
CA ARG B 174 -29.61 4.17 -2.32
C ARG B 174 -29.40 2.69 -2.68
N VAL B 175 -28.71 2.40 -3.78
CA VAL B 175 -28.27 1.02 -4.12
C VAL B 175 -26.80 0.88 -3.73
N ARG B 176 -26.46 -0.13 -2.92
CA ARG B 176 -25.07 -0.48 -2.53
C ARG B 176 -24.38 -1.19 -3.71
N HIS B 177 -23.28 -0.62 -4.23
CA HIS B 177 -22.51 -1.15 -5.40
C HIS B 177 -21.21 -1.83 -4.95
N ARG B 178 -20.59 -1.38 -3.86
CA ARG B 178 -19.28 -1.94 -3.41
C ARG B 178 -19.49 -3.28 -2.68
N ARG B 179 -18.83 -4.34 -3.16
CA ARG B 179 -18.95 -5.71 -2.57
C ARG B 179 -18.00 -5.85 -1.38
N GLU B 180 -16.74 -5.45 -1.57
CA GLU B 180 -15.68 -5.63 -0.55
C GLU B 180 -14.98 -4.31 -0.26
N ILE B 181 -14.60 -4.16 1.01
CA ILE B 181 -13.82 -3.02 1.54
C ILE B 181 -12.34 -3.39 1.45
N VAL B 182 -11.51 -2.43 1.05
CA VAL B 182 -10.05 -2.64 0.76
C VAL B 182 -9.23 -1.60 1.54
N GLY B 183 -7.94 -1.90 1.76
CA GLY B 183 -6.97 -1.05 2.48
C GLY B 183 -6.89 0.34 1.92
N THR B 184 -7.05 0.53 0.60
CA THR B 184 -6.94 1.84 -0.07
C THR B 184 -8.26 2.63 0.02
N ASP B 185 -9.31 2.05 0.63
CA ASP B 185 -10.58 2.78 0.87
C ASP B 185 -10.30 3.92 1.84
N THR B 186 -11.06 5.02 1.73
CA THR B 186 -10.86 6.24 2.55
C THR B 186 -11.32 5.98 3.99
N ALA B 187 -10.41 6.09 4.95
CA ALA B 187 -10.70 6.08 6.41
C ALA B 187 -11.30 7.44 6.84
N TYR B 188 -10.64 8.55 6.51
CA TYR B 188 -11.04 9.90 7.01
C TYR B 188 -10.65 11.00 6.03
N ILE B 189 -11.39 12.11 6.06
CA ILE B 189 -11.08 13.33 5.27
C ILE B 189 -10.98 14.51 6.25
N ILE B 190 -9.84 15.19 6.23
CA ILE B 190 -9.55 16.38 7.09
C ILE B 190 -9.82 17.62 6.26
N PHE B 191 -10.80 18.45 6.63
CA PHE B 191 -11.12 19.68 5.88
C PHE B 191 -10.61 20.91 6.64
N THR B 192 -9.70 21.65 6.02
CA THR B 192 -9.26 23.03 6.38
C THR B 192 -9.43 23.91 5.12
N SER B 193 -9.10 25.20 5.21
CA SER B 193 -9.03 26.12 4.05
C SER B 193 -7.60 26.10 3.51
N GLY B 194 -7.46 26.03 2.17
CA GLY B 194 -6.17 26.08 1.45
C GLY B 194 -5.58 27.47 1.42
N THR B 195 -4.53 27.69 0.64
CA THR B 195 -3.74 28.95 0.60
C THR B 195 -4.56 30.03 -0.08
N THR B 196 -5.45 29.62 -0.99
CA THR B 196 -6.63 30.40 -1.45
C THR B 196 -7.72 30.24 -0.38
N GLY B 197 -8.95 30.67 -0.62
CA GLY B 197 -10.08 30.36 0.30
C GLY B 197 -10.80 29.05 -0.02
N ARG B 198 -10.22 28.20 -0.89
CA ARG B 198 -10.90 26.96 -1.37
C ARG B 198 -10.79 25.91 -0.26
N PRO B 199 -11.89 25.13 -0.03
CA PRO B 199 -11.82 23.98 0.84
C PRO B 199 -10.66 23.03 0.48
N LYS B 200 -9.94 22.57 1.51
CA LYS B 200 -8.80 21.62 1.41
C LYS B 200 -9.16 20.35 2.17
N GLY B 201 -9.53 19.27 1.47
CA GLY B 201 -9.91 17.98 2.08
C GLY B 201 -8.83 16.94 1.84
N VAL B 202 -7.99 16.69 2.86
CA VAL B 202 -6.95 15.64 2.76
C VAL B 202 -7.65 14.28 2.92
N VAL B 203 -7.64 13.47 1.86
CA VAL B 203 -8.21 12.09 1.82
C VAL B 203 -7.13 11.11 2.27
N MET B 204 -7.46 10.29 3.26
CA MET B 204 -6.48 9.33 3.84
C MET B 204 -7.11 7.94 3.87
N SER B 205 -6.44 6.99 3.23
CA SER B 205 -6.75 5.55 3.21
C SER B 205 -6.46 4.94 4.59
N HIS B 206 -7.14 3.84 4.91
CA HIS B 206 -6.86 2.95 6.07
C HIS B 206 -5.42 2.43 5.98
N ARG B 207 -4.98 2.03 4.79
CA ARG B 207 -3.62 1.50 4.62
C ARG B 207 -2.61 2.60 4.99
N SER B 208 -2.85 3.83 4.58
CA SER B 208 -1.92 4.97 4.84
C SER B 208 -1.77 5.22 6.35
N VAL B 209 -2.90 5.30 7.09
CA VAL B 209 -2.91 5.68 8.54
C VAL B 209 -2.25 4.56 9.35
N VAL B 210 -2.75 3.34 9.13
CA VAL B 210 -2.28 2.12 9.84
C VAL B 210 -0.77 2.02 9.62
N SER B 211 -0.29 2.39 8.43
CA SER B 211 1.14 2.31 8.05
C SER B 211 1.94 3.22 8.94
N LEU B 212 1.47 4.45 9.19
CA LEU B 212 2.17 5.35 10.15
C LEU B 212 2.04 4.78 11.57
N TYR B 213 0.84 4.36 12.02
CA TYR B 213 0.68 3.78 13.37
C TYR B 213 1.73 2.70 13.58
N ARG B 214 1.96 1.84 12.59
CA ARG B 214 2.90 0.69 12.70
C ARG B 214 4.35 1.18 12.84
N ALA B 215 4.73 2.21 12.08
CA ALA B 215 6.12 2.74 12.04
C ALA B 215 6.50 3.35 13.40
N ILE B 216 5.54 4.00 14.06
CA ILE B 216 5.76 4.68 15.38
C ILE B 216 5.58 3.65 16.51
N LEU B 217 4.72 2.63 16.35
CA LEU B 217 4.68 1.48 17.29
C LEU B 217 6.05 0.77 17.24
N GLU B 218 6.66 0.68 16.05
CA GLU B 218 7.96 0.01 15.81
C GLU B 218 9.05 0.71 16.64
N GLN B 219 9.10 2.04 16.59
CA GLN B 219 10.10 2.90 17.29
C GLN B 219 9.88 2.87 18.81
N GLY B 220 8.78 2.28 19.31
CA GLY B 220 8.58 1.96 20.75
C GLY B 220 8.44 3.18 21.66
N LEU B 221 7.76 4.24 21.19
CA LEU B 221 7.59 5.55 21.87
C LEU B 221 6.80 5.38 23.17
N ILE B 222 5.84 4.46 23.24
CA ILE B 222 5.01 4.24 24.45
C ILE B 222 4.78 2.74 24.62
N THR B 223 4.23 2.34 25.77
CA THR B 223 3.92 0.94 26.16
C THR B 223 2.45 0.84 26.58
N PRO B 224 1.88 -0.39 26.68
CA PRO B 224 0.51 -0.55 27.19
C PRO B 224 0.26 0.05 28.57
N GLU B 225 1.30 0.35 29.34
CA GLU B 225 1.21 0.83 30.74
C GLU B 225 1.05 2.36 30.76
N ASP B 226 1.26 3.01 29.61
CA ASP B 226 1.20 4.50 29.49
C ASP B 226 -0.27 4.97 29.47
N ARG B 227 -0.49 6.22 29.87
CA ARG B 227 -1.80 6.93 29.83
C ARG B 227 -1.56 8.25 29.08
N ILE B 228 -2.09 8.35 27.86
CA ILE B 228 -1.78 9.45 26.89
C ILE B 228 -2.80 10.57 27.06
N ALA B 229 -2.38 11.69 27.64
CA ALA B 229 -3.18 12.94 27.68
C ALA B 229 -3.19 13.50 26.26
N THR B 230 -4.35 13.48 25.59
CA THR B 230 -4.53 14.08 24.25
C THR B 230 -5.33 15.37 24.41
N THR B 231 -4.88 16.45 23.76
CA THR B 231 -5.41 17.82 23.89
C THR B 231 -6.04 18.32 22.58
N SER B 232 -5.67 17.74 21.45
CA SER B 232 -6.09 18.24 20.11
C SER B 232 -7.60 18.08 19.93
N PRO B 233 -8.25 18.96 19.14
CA PRO B 233 -9.61 18.68 18.69
C PRO B 233 -9.57 17.48 17.72
N LEU B 234 -10.71 16.80 17.59
CA LEU B 234 -10.86 15.57 16.76
C LEU B 234 -10.61 15.90 15.28
N GLN B 235 -10.89 17.14 14.85
CA GLN B 235 -10.78 17.58 13.42
C GLN B 235 -9.30 17.76 13.00
N PHE B 236 -8.37 17.63 13.93
CA PHE B 236 -6.90 17.74 13.69
C PHE B 236 -6.35 16.34 13.83
N ASP B 237 -5.60 15.86 12.84
CA ASP B 237 -5.15 14.44 12.79
C ASP B 237 -4.18 14.15 13.95
N PHE B 238 -3.75 15.17 14.71
CA PHE B 238 -2.93 14.98 15.93
C PHE B 238 -3.75 14.21 16.99
N ALA B 239 -5.06 14.47 17.04
CA ALA B 239 -6.00 13.66 17.86
C ALA B 239 -6.09 12.23 17.30
N LEU B 240 -6.21 12.10 15.98
CA LEU B 240 -6.27 10.77 15.30
C LEU B 240 -4.95 10.03 15.52
N PHE B 241 -3.82 10.75 15.52
CA PHE B 241 -2.49 10.16 15.84
C PHE B 241 -2.51 9.59 17.25
N ASP B 242 -2.88 10.42 18.24
CA ASP B 242 -2.90 10.10 19.69
C ASP B 242 -3.86 8.92 19.94
N ILE B 243 -5.08 8.97 19.43
CA ILE B 243 -6.09 7.88 19.55
C ILE B 243 -5.47 6.57 19.04
N GLY B 244 -4.94 6.61 17.83
CA GLY B 244 -4.41 5.43 17.13
C GLY B 244 -3.17 4.90 17.82
N LEU B 245 -2.19 5.76 18.08
CA LEU B 245 -0.94 5.37 18.78
C LEU B 245 -1.32 4.61 20.06
N ALA B 246 -2.24 5.17 20.86
CA ALA B 246 -2.62 4.66 22.20
C ALA B 246 -3.33 3.30 22.06
N LEU B 247 -4.45 3.26 21.35
CA LEU B 247 -5.34 2.07 21.24
C LEU B 247 -4.59 0.95 20.51
N GLY B 248 -3.84 1.30 19.46
CA GLY B 248 -2.99 0.34 18.71
C GLY B 248 -1.99 -0.35 19.61
N THR B 249 -1.52 0.33 20.67
CA THR B 249 -0.48 -0.19 21.60
C THR B 249 -1.13 -1.05 22.68
N GLY B 250 -2.38 -0.77 23.05
CA GLY B 250 -3.05 -1.36 24.22
C GLY B 250 -3.01 -0.46 25.44
N ALA B 251 -2.51 0.76 25.27
CA ALA B 251 -2.40 1.81 26.32
C ALA B 251 -3.76 2.47 26.53
N ALA B 252 -3.85 3.43 27.45
CA ALA B 252 -5.09 4.15 27.79
C ALA B 252 -5.04 5.57 27.22
N LEU B 253 -6.11 6.02 26.58
CA LEU B 253 -6.28 7.42 26.11
C LEU B 253 -6.87 8.29 27.23
N VAL B 254 -6.29 9.46 27.49
CA VAL B 254 -6.80 10.44 28.49
C VAL B 254 -7.21 11.71 27.77
N PRO B 255 -8.43 11.77 27.19
CA PRO B 255 -8.86 12.97 26.48
C PRO B 255 -9.06 14.13 27.46
N VAL B 256 -8.38 15.25 27.22
CA VAL B 256 -8.46 16.50 28.02
C VAL B 256 -9.55 17.39 27.42
N PRO B 257 -10.65 17.66 28.15
CA PRO B 257 -11.72 18.51 27.64
C PRO B 257 -11.21 19.94 27.39
N ARG B 258 -11.75 20.61 26.36
CA ARG B 258 -11.22 21.90 25.84
C ARG B 258 -11.34 22.97 26.94
N GLU B 259 -12.43 22.95 27.72
CA GLU B 259 -12.67 23.95 28.79
C GLU B 259 -11.57 23.78 29.86
N GLU B 260 -11.37 22.57 30.38
CA GLU B 260 -10.32 22.25 31.39
C GLU B 260 -8.96 22.74 30.90
N LEU B 261 -8.71 22.74 29.59
CA LEU B 261 -7.39 23.11 28.98
C LEU B 261 -7.11 24.62 29.18
N ASN B 262 -8.13 25.45 28.94
CA ASN B 262 -8.02 26.93 28.88
C ASN B 262 -7.70 27.50 30.27
N TRP B 263 -8.12 26.81 31.33
CA TRP B 263 -7.93 27.17 32.76
C TRP B 263 -6.79 26.33 33.37
N PRO B 264 -5.57 26.89 33.58
CA PRO B 264 -4.39 26.09 33.90
C PRO B 264 -4.47 25.19 35.14
N ARG B 265 -5.13 25.66 36.19
CA ARG B 265 -5.36 24.89 37.45
C ARG B 265 -6.16 23.60 37.15
N ARG B 266 -7.26 23.75 36.41
CA ARG B 266 -8.21 22.65 36.08
C ARG B 266 -7.46 21.59 35.28
N PHE B 267 -6.65 22.05 34.31
CA PHE B 267 -5.82 21.22 33.39
C PHE B 267 -4.87 20.33 34.20
N LEU B 268 -4.06 20.95 35.08
CA LEU B 268 -3.01 20.21 35.84
C LEU B 268 -3.66 19.27 36.85
N ALA B 269 -4.81 19.66 37.41
CA ALA B 269 -5.60 18.80 38.32
C ALA B 269 -6.01 17.54 37.55
N PHE B 270 -6.41 17.74 36.28
CA PHE B 270 -6.89 16.65 35.40
C PHE B 270 -5.74 15.69 35.12
N LEU B 271 -4.58 16.21 34.70
CA LEU B 271 -3.38 15.37 34.40
C LEU B 271 -3.01 14.57 35.65
N GLY B 272 -3.14 15.21 36.83
CA GLY B 272 -2.82 14.62 38.13
C GLY B 272 -3.79 13.53 38.50
N ASP B 273 -5.09 13.80 38.47
CA ASP B 273 -6.17 12.88 38.94
C ASP B 273 -6.29 11.66 38.02
N THR B 274 -5.90 11.77 36.74
CA THR B 274 -6.06 10.70 35.73
C THR B 274 -4.79 9.84 35.63
N GLY B 275 -3.69 10.31 36.22
CA GLY B 275 -2.42 9.55 36.26
C GLY B 275 -1.67 9.56 34.95
N ALA B 276 -1.97 10.51 34.06
CA ALA B 276 -1.32 10.70 32.73
C ALA B 276 0.19 10.52 32.86
N THR B 277 0.77 9.68 32.00
CA THR B 277 2.24 9.43 31.89
C THR B 277 2.82 10.12 30.66
N GLN B 278 1.97 10.53 29.71
CA GLN B 278 2.40 11.15 28.43
C GLN B 278 1.45 12.31 28.13
N VAL B 279 1.98 13.46 27.71
CA VAL B 279 1.17 14.67 27.40
C VAL B 279 1.42 15.08 25.94
N HIS B 280 0.38 14.99 25.14
CA HIS B 280 0.40 15.26 23.69
C HIS B 280 -0.37 16.56 23.46
N GLY B 281 0.25 17.51 22.74
CA GLY B 281 -0.34 18.81 22.43
C GLY B 281 0.62 19.66 21.63
N VAL B 282 0.05 20.59 20.86
CA VAL B 282 0.77 21.73 20.22
C VAL B 282 1.46 22.55 21.31
N PRO B 283 2.56 23.28 21.02
CA PRO B 283 3.27 24.04 22.06
C PRO B 283 2.37 24.92 22.94
N SER B 284 1.34 25.55 22.35
CA SER B 284 0.44 26.56 22.96
C SER B 284 -0.28 26.01 24.21
N ILE B 285 -0.49 24.69 24.34
CA ILE B 285 -1.16 24.11 25.56
C ILE B 285 -0.33 24.45 26.81
N TRP B 286 0.97 24.71 26.64
CA TRP B 286 1.91 24.98 27.76
C TRP B 286 1.95 26.47 28.10
N ARG B 287 1.61 27.39 27.19
CA ARG B 287 1.80 28.85 27.41
C ARG B 287 1.10 29.26 28.71
N PRO B 288 -0.23 29.01 28.88
CA PRO B 288 -0.93 29.39 30.11
C PRO B 288 -0.35 28.76 31.38
N VAL B 289 0.08 27.51 31.28
CA VAL B 289 0.50 26.70 32.47
C VAL B 289 1.88 27.22 32.94
N LEU B 290 2.74 27.59 31.99
CA LEU B 290 4.09 28.15 32.29
C LEU B 290 3.95 29.59 32.84
N ARG B 291 2.93 30.34 32.40
CA ARG B 291 2.68 31.74 32.85
C ARG B 291 2.15 31.71 34.29
N HIS B 292 1.04 31.02 34.56
CA HIS B 292 0.23 31.15 35.80
C HIS B 292 0.57 30.07 36.85
N GLU B 293 1.06 28.88 36.47
CA GLU B 293 1.16 27.76 37.46
C GLU B 293 2.42 26.93 37.27
N PRO B 294 3.62 27.53 37.12
CA PRO B 294 4.84 26.74 36.92
C PRO B 294 5.09 25.71 38.03
N GLU B 295 4.92 26.08 39.30
CA GLU B 295 5.35 25.18 40.40
C GLU B 295 4.36 24.01 40.51
N LEU B 296 3.09 24.19 40.14
CA LEU B 296 2.05 23.13 40.19
C LEU B 296 2.31 22.07 39.11
N LEU B 297 2.73 22.53 37.92
CA LEU B 297 3.15 21.70 36.76
C LEU B 297 4.33 20.81 37.18
N ALA B 298 5.24 21.34 38.01
CA ALA B 298 6.44 20.63 38.49
C ALA B 298 6.03 19.47 39.42
N GLY B 299 4.73 19.36 39.79
CA GLY B 299 4.21 18.33 40.71
C GLY B 299 3.88 16.99 40.05
N LEU B 300 3.80 16.96 38.71
CA LEU B 300 3.40 15.78 37.91
C LEU B 300 4.60 14.84 37.73
N ASP B 301 5.05 14.19 38.81
CA ASP B 301 6.23 13.26 38.79
C ASP B 301 5.88 11.99 38.00
N ARG B 302 4.61 11.85 37.60
CA ARG B 302 4.07 10.68 36.83
C ARG B 302 4.21 10.87 35.32
N VAL B 303 4.47 12.10 34.83
CA VAL B 303 4.62 12.38 33.37
C VAL B 303 6.02 11.97 32.91
N ARG B 304 6.12 10.91 32.09
CA ARG B 304 7.41 10.35 31.59
C ARG B 304 7.73 11.01 30.25
N GLY B 305 6.72 11.46 29.53
CA GLY B 305 6.88 11.97 28.15
C GLY B 305 5.99 13.16 27.86
N ILE B 306 6.46 14.04 26.99
CA ILE B 306 5.65 15.12 26.34
C ILE B 306 5.88 15.02 24.82
N LEU B 307 4.82 15.06 24.03
CA LEU B 307 4.94 15.16 22.54
C LEU B 307 4.26 16.45 22.06
N PHE B 308 4.90 17.16 21.12
CA PHE B 308 4.35 18.36 20.45
C PHE B 308 4.62 18.28 18.95
N THR B 309 3.75 18.91 18.16
CA THR B 309 3.94 19.13 16.71
C THR B 309 3.12 20.35 16.30
N GLY B 310 3.09 20.69 15.01
CA GLY B 310 2.18 21.72 14.45
C GLY B 310 2.91 23.01 14.15
N GLU B 311 3.90 23.37 14.95
CA GLU B 311 4.70 24.62 14.77
C GLU B 311 5.92 24.60 15.69
N ASP B 312 6.86 25.53 15.43
CA ASP B 312 8.05 25.77 16.27
C ASP B 312 7.59 25.99 17.72
N PHE B 313 8.23 25.29 18.66
CA PHE B 313 8.12 25.51 20.13
C PHE B 313 9.15 26.60 20.46
N PRO B 314 8.71 27.81 20.90
CA PRO B 314 9.66 28.84 21.32
C PRO B 314 10.63 28.28 22.36
N LEU B 315 11.93 28.49 22.14
CA LEU B 315 12.98 27.86 22.98
C LEU B 315 12.89 28.32 24.43
N PRO B 316 12.68 29.63 24.74
CA PRO B 316 12.52 30.05 26.13
C PRO B 316 11.40 29.28 26.87
N GLU B 317 10.23 29.18 26.25
CA GLU B 317 9.08 28.41 26.80
C GLU B 317 9.47 26.94 26.95
N LEU B 318 10.19 26.39 25.97
CA LEU B 318 10.59 24.96 25.96
C LEU B 318 11.63 24.70 27.06
N ARG B 319 12.61 25.58 27.25
CA ARG B 319 13.64 25.42 28.32
C ARG B 319 12.98 25.49 29.70
N HIS B 320 11.93 26.31 29.85
CA HIS B 320 11.17 26.49 31.11
C HIS B 320 10.43 25.17 31.45
N LEU B 321 9.70 24.59 30.48
CA LEU B 321 8.93 23.32 30.62
C LEU B 321 9.91 22.17 30.97
N GLN B 322 11.04 22.10 30.26
CA GLN B 322 12.12 21.10 30.50
C GLN B 322 12.63 21.22 31.95
N GLY B 323 12.93 22.46 32.37
CA GLY B 323 13.42 22.83 33.72
C GLY B 323 12.52 22.32 34.82
N LEU B 324 11.19 22.46 34.64
CA LEU B 324 10.13 22.13 35.64
C LEU B 324 9.84 20.62 35.70
N LEU B 325 10.03 19.92 34.58
CA LEU B 325 9.78 18.45 34.47
C LEU B 325 11.06 17.77 33.98
N PRO B 326 12.14 17.74 34.78
CA PRO B 326 13.43 17.25 34.31
C PRO B 326 13.45 15.73 34.04
N HIS B 327 12.49 14.97 34.58
CA HIS B 327 12.37 13.48 34.37
C HIS B 327 11.31 13.15 33.30
N ALA B 328 11.17 14.02 32.30
CA ALA B 328 10.22 13.86 31.18
C ALA B 328 10.98 14.03 29.86
N ARG B 329 11.03 12.95 29.09
CA ARG B 329 11.54 12.92 27.68
C ARG B 329 10.57 13.76 26.83
N ILE B 330 11.08 14.75 26.10
CA ILE B 330 10.26 15.64 25.23
C ILE B 330 10.59 15.32 23.76
N VAL B 331 9.57 15.06 22.95
CA VAL B 331 9.75 14.71 21.52
C VAL B 331 9.18 15.83 20.65
N ASN B 332 10.00 16.23 19.67
CA ASN B 332 9.66 17.12 18.54
C ASN B 332 9.07 16.25 17.42
N GLY B 333 7.78 16.38 17.19
CA GLY B 333 7.08 15.68 16.09
C GLY B 333 6.93 16.60 14.90
N TYR B 334 7.48 16.20 13.75
CA TYR B 334 7.32 16.91 12.46
C TYR B 334 6.53 16.06 11.48
N GLY B 335 5.60 16.70 10.79
CA GLY B 335 4.87 16.11 9.67
C GLY B 335 3.73 17.00 9.25
N ALA B 336 3.07 16.64 8.15
CA ALA B 336 1.81 17.24 7.68
C ALA B 336 0.70 16.18 7.60
N THR B 337 -0.54 16.66 7.55
CA THR B 337 -1.77 15.86 7.41
C THR B 337 -1.64 14.91 6.21
N GLU B 338 -0.96 15.33 5.14
CA GLU B 338 -0.92 14.57 3.86
C GLU B 338 -0.05 13.29 3.99
N SER B 339 0.80 13.16 5.03
CA SER B 339 1.43 11.86 5.40
C SER B 339 1.10 11.48 6.85
N MET B 340 0.12 12.20 7.46
CA MET B 340 -0.18 12.27 8.93
C MET B 340 1.06 12.76 9.68
N ALA B 341 2.21 12.09 9.57
CA ALA B 341 3.45 12.48 10.28
C ALA B 341 4.66 12.00 9.47
N CYS B 342 5.87 12.29 9.95
CA CYS B 342 7.13 12.10 9.21
C CYS B 342 8.27 11.72 10.15
N SER B 343 8.62 12.58 11.12
CA SER B 343 9.80 12.37 11.99
C SER B 343 9.47 12.69 13.47
N PHE B 344 10.21 12.05 14.37
CA PHE B 344 10.06 12.11 15.83
C PHE B 344 11.45 12.19 16.45
N THR B 345 11.83 13.34 17.00
CA THR B 345 13.21 13.60 17.52
C THR B 345 13.16 14.05 18.98
N GLU B 346 13.83 13.31 19.86
CA GLU B 346 14.07 13.66 21.27
C GLU B 346 14.76 15.03 21.32
N VAL B 347 14.23 15.98 22.09
CA VAL B 347 14.92 17.29 22.31
C VAL B 347 16.07 17.02 23.27
N PRO B 348 17.24 17.66 23.06
CA PRO B 348 18.41 17.36 23.88
C PRO B 348 18.15 17.73 25.35
N ARG B 349 18.82 16.99 26.24
CA ARG B 349 18.53 16.93 27.69
C ARG B 349 19.87 17.04 28.42
N PRO B 350 20.33 18.23 28.85
CA PRO B 350 19.59 19.49 28.70
C PRO B 350 19.73 20.08 27.29
N ILE B 351 18.96 21.11 26.96
CA ILE B 351 19.12 21.86 25.68
C ILE B 351 20.40 22.68 25.75
N PRO B 352 21.43 22.43 24.92
CA PRO B 352 22.59 23.32 24.86
C PRO B 352 22.09 24.74 24.58
N SER B 353 22.58 25.68 25.39
CA SER B 353 22.07 27.07 25.49
C SER B 353 22.32 27.85 24.20
N ASP B 354 23.24 27.40 23.34
CA ASP B 354 23.61 28.08 22.07
C ASP B 354 22.91 27.42 20.87
N LEU B 355 21.67 26.97 21.02
CA LEU B 355 20.90 26.25 19.95
C LEU B 355 20.21 27.30 19.09
N GLU B 356 20.47 27.31 17.78
CA GLU B 356 19.81 28.20 16.79
C GLU B 356 18.35 27.73 16.61
N ARG B 357 18.17 26.44 16.30
CA ARG B 357 16.84 25.78 16.14
C ARG B 357 16.93 24.29 16.47
N LEU B 358 15.78 23.72 16.84
CA LEU B 358 15.55 22.27 17.10
C LEU B 358 15.70 21.45 15.82
N SER B 359 16.30 20.25 15.92
CA SER B 359 16.29 19.19 14.88
C SER B 359 14.91 18.52 14.79
N ILE B 360 14.39 18.34 13.57
CA ILE B 360 13.24 17.45 13.25
C ILE B 360 13.78 16.08 12.85
N GLY B 361 15.10 15.87 13.00
CA GLY B 361 15.74 14.54 13.08
C GLY B 361 15.75 13.78 11.76
N PHE B 362 15.42 12.49 11.82
CA PHE B 362 15.40 11.51 10.70
C PHE B 362 13.97 11.05 10.51
N PRO B 363 13.50 10.91 9.25
CA PRO B 363 12.21 10.29 8.97
C PRO B 363 12.11 8.90 9.62
N LEU B 364 10.89 8.45 9.91
CA LEU B 364 10.65 7.10 10.48
C LEU B 364 11.19 6.05 9.51
N PRO B 365 11.65 4.88 10.01
CA PRO B 365 12.07 3.79 9.14
C PRO B 365 10.96 3.53 8.10
N GLY B 366 11.33 3.48 6.81
CA GLY B 366 10.37 3.30 5.71
C GLY B 366 9.81 4.62 5.19
N PHE B 367 10.36 5.73 5.68
CA PHE B 367 10.07 7.10 5.19
C PHE B 367 11.39 7.69 4.72
N ASP B 368 11.35 8.57 3.73
CA ASP B 368 12.59 9.10 3.11
C ASP B 368 12.37 10.52 2.62
N VAL B 369 13.36 11.39 2.83
CA VAL B 369 13.26 12.83 2.44
C VAL B 369 14.36 13.14 1.43
N SER B 370 14.00 13.82 0.35
CA SER B 370 14.95 14.53 -0.54
C SER B 370 14.84 16.02 -0.23
N LEU B 371 15.97 16.72 -0.18
CA LEU B 371 15.99 18.21 -0.21
C LEU B 371 16.34 18.61 -1.65
N LEU B 372 15.35 19.15 -2.35
CA LEU B 372 15.51 19.64 -3.74
C LEU B 372 15.50 21.17 -3.74
N ASP B 373 16.34 21.76 -4.59
CA ASP B 373 16.36 23.22 -4.87
C ASP B 373 15.13 23.56 -5.74
N GLU B 374 15.08 24.80 -6.24
CA GLU B 374 13.94 25.39 -7.01
C GLU B 374 13.72 24.64 -8.32
N HIS B 375 14.75 23.94 -8.84
CA HIS B 375 14.69 23.24 -10.15
C HIS B 375 14.52 21.73 -9.97
N GLY B 376 14.24 21.27 -8.75
CA GLY B 376 14.05 19.84 -8.41
C GLY B 376 15.37 19.08 -8.34
N ARG B 377 16.51 19.76 -8.23
CA ARG B 377 17.85 19.11 -8.13
C ARG B 377 18.23 18.91 -6.67
N PRO B 378 18.86 17.77 -6.31
CA PRO B 378 19.22 17.50 -4.92
C PRO B 378 20.16 18.57 -4.34
N VAL B 379 20.05 18.84 -3.04
CA VAL B 379 20.92 19.79 -2.27
C VAL B 379 21.81 18.96 -1.34
N GLU B 380 23.06 18.70 -1.77
CA GLU B 380 24.03 17.83 -1.04
C GLU B 380 24.91 18.66 -0.09
N GLU B 381 24.77 19.98 -0.14
CA GLU B 381 25.58 20.94 0.66
C GLU B 381 24.93 21.11 2.06
N ILE B 382 25.58 20.58 3.10
CA ILE B 382 25.23 20.76 4.55
C ILE B 382 24.84 22.22 4.80
N GLY B 383 23.73 22.45 5.52
CA GLY B 383 23.32 23.80 5.96
C GLY B 383 22.57 24.58 4.90
N VAL B 384 22.53 24.11 3.66
CA VAL B 384 21.72 24.75 2.57
C VAL B 384 20.29 24.21 2.62
N ALA B 385 19.31 25.11 2.48
CA ALA B 385 17.87 24.81 2.56
C ALA B 385 17.38 24.32 1.20
N GLY B 386 16.59 23.24 1.19
CA GLY B 386 15.86 22.72 0.03
C GLY B 386 14.41 22.44 0.39
N GLN B 387 13.55 22.22 -0.59
CA GLN B 387 12.13 21.83 -0.36
C GLN B 387 12.13 20.34 -0.03
N ILE B 388 11.59 19.98 1.14
CA ILE B 388 11.34 18.57 1.55
C ILE B 388 10.43 17.94 0.51
N HIS B 389 10.90 16.86 -0.14
CA HIS B 389 10.10 15.88 -0.91
C HIS B 389 10.07 14.57 -0.13
N LEU B 390 8.88 14.11 0.24
CA LEU B 390 8.70 12.97 1.18
C LEU B 390 8.21 11.73 0.41
N ARG B 391 8.96 10.64 0.54
CA ARG B 391 8.55 9.27 0.15
C ARG B 391 8.07 8.58 1.43
N ALA B 392 6.80 8.17 1.49
CA ALA B 392 6.15 7.64 2.73
C ALA B 392 5.15 6.53 2.40
N PRO B 393 4.95 5.55 3.31
CA PRO B 393 3.87 4.56 3.14
C PRO B 393 2.52 5.06 3.69
N SER B 394 2.46 6.32 4.13
CA SER B 394 1.28 6.92 4.81
C SER B 394 0.74 8.09 3.97
N MET B 395 0.96 8.06 2.65
CA MET B 395 0.59 9.16 1.73
C MET B 395 -0.93 9.25 1.55
N PHE B 396 -1.46 10.46 1.63
CA PHE B 396 -2.87 10.80 1.30
C PHE B 396 -3.16 10.40 -0.14
N SER B 397 -4.41 10.03 -0.41
CA SER B 397 -4.95 9.65 -1.74
C SER B 397 -5.07 10.89 -2.64
N GLY B 398 -5.26 12.08 -2.07
CA GLY B 398 -5.51 13.30 -2.84
C GLY B 398 -6.37 14.30 -2.08
N TYR B 399 -6.51 15.49 -2.66
CA TYR B 399 -7.36 16.59 -2.14
C TYR B 399 -8.80 16.40 -2.65
N TRP B 400 -9.76 16.31 -1.74
CA TRP B 400 -11.19 16.16 -2.08
C TRP B 400 -11.58 17.10 -3.23
N ASP B 401 -12.01 16.53 -4.35
CA ASP B 401 -12.64 17.27 -5.47
C ASP B 401 -11.67 18.32 -6.04
N ASP B 402 -10.35 18.14 -5.87
CA ASP B 402 -9.34 19.12 -6.37
C ASP B 402 -8.17 18.36 -7.02
N PRO B 403 -8.38 17.74 -8.20
CA PRO B 403 -7.31 17.03 -8.90
C PRO B 403 -6.12 17.93 -9.29
N GLU B 404 -6.35 19.22 -9.55
CA GLU B 404 -5.29 20.17 -9.99
C GLU B 404 -4.34 20.47 -8.82
N ALA B 405 -4.89 20.71 -7.64
CA ALA B 405 -4.12 20.89 -6.38
C ALA B 405 -3.34 19.61 -6.09
N THR B 406 -3.95 18.44 -6.32
CA THR B 406 -3.35 17.12 -6.01
C THR B 406 -2.09 16.97 -6.86
N ALA B 407 -2.18 17.33 -8.15
CA ALA B 407 -1.10 17.19 -9.15
C ALA B 407 0.06 18.15 -8.86
N ARG B 408 -0.17 19.24 -8.12
CA ARG B 408 0.88 20.22 -7.70
C ARG B 408 1.62 19.73 -6.45
N VAL B 409 1.04 18.83 -5.68
CA VAL B 409 1.57 18.42 -4.34
C VAL B 409 2.04 16.96 -4.38
N LEU B 410 1.22 16.07 -4.96
CA LEU B 410 1.53 14.63 -5.15
C LEU B 410 2.11 14.46 -6.56
N VAL B 411 3.44 14.56 -6.69
CA VAL B 411 4.14 14.81 -7.99
C VAL B 411 5.09 13.66 -8.33
N SER B 412 5.38 13.53 -9.61
CA SER B 412 6.36 12.58 -10.15
C SER B 412 7.72 12.84 -9.46
N ASP B 413 8.26 11.84 -8.76
CA ASP B 413 9.56 11.88 -8.04
C ASP B 413 10.60 12.50 -8.96
N PRO B 414 11.11 13.72 -8.71
CA PRO B 414 12.16 14.31 -9.55
C PRO B 414 13.47 13.50 -9.66
N LEU B 415 13.73 12.55 -8.76
CA LEU B 415 14.94 11.66 -8.80
C LEU B 415 14.65 10.36 -9.56
N ASP B 416 13.39 10.13 -9.89
CA ASP B 416 12.90 8.93 -10.61
C ASP B 416 11.65 9.35 -11.40
N PRO B 417 11.79 10.37 -12.30
CA PRO B 417 10.62 10.98 -12.92
C PRO B 417 9.86 10.02 -13.84
N ARG B 418 10.48 8.95 -14.32
CA ARG B 418 9.88 8.08 -15.38
C ARG B 418 9.06 6.91 -14.82
N SER B 419 9.27 6.52 -13.56
CA SER B 419 8.62 5.33 -12.95
C SER B 419 7.12 5.57 -12.72
N GLY B 420 6.73 6.81 -12.53
CA GLY B 420 5.38 7.16 -12.05
C GLY B 420 5.28 7.13 -10.54
N ARG B 421 6.26 6.58 -9.81
CA ARG B 421 6.46 6.80 -8.35
C ARG B 421 6.13 8.26 -8.01
N THR B 422 5.36 8.53 -6.96
CA THR B 422 5.07 9.93 -6.57
C THR B 422 5.61 10.21 -5.17
N VAL B 423 5.89 11.49 -4.90
CA VAL B 423 6.40 12.01 -3.59
C VAL B 423 5.50 13.15 -3.15
N LEU B 424 5.48 13.43 -1.85
CA LEU B 424 4.91 14.68 -1.29
C LEU B 424 5.88 15.84 -1.53
N ARG B 425 5.52 16.79 -2.42
CA ARG B 425 6.10 18.15 -2.53
C ARG B 425 5.52 18.96 -1.38
N SER B 426 6.28 19.11 -0.28
CA SER B 426 5.76 19.36 1.09
C SER B 426 5.40 20.85 1.28
N GLY B 427 6.07 21.75 0.56
CA GLY B 427 5.93 23.22 0.76
C GLY B 427 6.71 23.69 1.97
N ASP B 428 7.35 22.75 2.68
CA ASP B 428 8.28 23.00 3.80
C ASP B 428 9.71 23.09 3.24
N LEU B 429 10.47 24.10 3.68
CA LEU B 429 11.95 24.16 3.50
C LEU B 429 12.60 23.50 4.71
N ALA B 430 13.76 22.90 4.52
CA ALA B 430 14.58 22.31 5.60
C ALA B 430 16.01 22.20 5.10
N TYR B 431 16.94 21.99 6.03
CA TYR B 431 18.39 21.81 5.76
C TYR B 431 18.92 20.73 6.69
N ARG B 432 20.10 20.21 6.38
CA ARG B 432 20.70 19.07 7.11
C ARG B 432 21.92 19.57 7.86
N GLY B 433 22.22 18.93 8.99
CA GLY B 433 23.47 19.12 9.75
C GLY B 433 24.54 18.15 9.32
N GLU B 434 25.65 18.11 10.06
CA GLU B 434 26.85 17.25 9.84
C GLU B 434 26.45 15.79 9.70
N ASP B 435 25.45 15.36 10.47
CA ASP B 435 25.03 13.94 10.64
C ASP B 435 23.78 13.63 9.81
N GLY B 436 23.37 14.55 8.94
CA GLY B 436 22.21 14.39 8.04
C GLY B 436 20.86 14.62 8.74
N GLU B 437 20.84 15.08 10.00
CA GLU B 437 19.57 15.48 10.69
C GLU B 437 18.92 16.62 9.91
N LEU B 438 17.61 16.75 10.03
CA LEU B 438 16.86 17.85 9.39
C LEU B 438 16.59 18.98 10.39
N TYR B 439 16.46 20.19 9.85
CA TYR B 439 16.01 21.40 10.59
C TYR B 439 14.93 22.07 9.73
N PHE B 440 13.72 22.27 10.27
CA PHE B 440 12.61 23.00 9.61
C PHE B 440 13.07 24.44 9.39
N ALA B 441 12.88 24.97 8.18
CA ALA B 441 13.36 26.32 7.81
C ALA B 441 12.19 27.12 7.23
N GLY B 442 10.96 26.78 7.58
CA GLY B 442 9.75 27.53 7.22
C GLY B 442 9.18 27.10 5.87
N ARG B 443 8.19 27.83 5.37
CA ARG B 443 7.44 27.50 4.14
C ARG B 443 8.16 28.04 2.90
N VAL B 444 8.07 27.36 1.75
CA VAL B 444 8.63 27.90 0.47
C VAL B 444 7.93 29.24 0.19
N ASP B 445 6.61 29.31 0.36
CA ASP B 445 5.75 30.42 -0.16
C ASP B 445 5.89 31.69 0.69
N ALA B 446 6.55 31.60 1.87
CA ALA B 446 6.77 32.71 2.83
C ALA B 446 8.14 33.36 2.61
N VAL B 474 6.46 36.47 17.78
CA VAL B 474 5.76 36.24 16.48
C VAL B 474 6.07 37.39 15.52
N ALA B 475 6.77 37.11 14.42
CA ALA B 475 7.10 38.08 13.35
C ALA B 475 6.32 37.74 12.06
N LEU B 476 5.44 38.64 11.60
CA LEU B 476 4.61 38.49 10.37
C LEU B 476 5.25 39.27 9.22
N LEU B 477 5.01 38.84 7.98
CA LEU B 477 5.38 39.58 6.73
C LEU B 477 4.10 39.93 5.95
N VAL B 478 3.40 41.00 6.34
CA VAL B 478 2.16 41.44 5.61
C VAL B 478 2.58 42.09 4.29
N PRO B 479 2.06 41.63 3.11
CA PRO B 479 2.54 42.10 1.81
C PRO B 479 1.81 43.31 1.17
N ARG B 480 2.04 43.55 -0.14
CA ARG B 480 1.47 44.66 -0.96
C ARG B 480 1.03 44.14 -2.35
N ASP B 484 7.44 45.30 -1.48
CA ASP B 484 8.17 44.71 -0.32
C ASP B 484 7.19 44.43 0.80
N PRO B 485 7.23 43.21 1.42
CA PRO B 485 6.36 42.89 2.55
C PRO B 485 6.83 43.52 3.87
N VAL B 486 5.96 44.30 4.50
CA VAL B 486 6.26 45.04 5.78
C VAL B 486 6.37 44.01 6.91
N LEU B 487 7.38 44.19 7.77
CA LEU B 487 7.76 43.24 8.86
C LEU B 487 7.34 43.79 10.23
N HIS B 488 6.19 43.33 10.72
CA HIS B 488 5.63 43.63 12.07
C HIS B 488 5.98 42.47 13.01
N ALA B 489 5.84 42.65 14.33
CA ALA B 489 6.05 41.59 15.36
C ALA B 489 5.16 41.86 16.58
N PHE B 490 4.69 40.81 17.26
CA PHE B 490 3.85 40.90 18.48
C PHE B 490 4.49 40.11 19.63
N PRO B 519 13.55 45.04 11.83
CA PRO B 519 12.15 44.98 12.23
C PRO B 519 11.49 46.36 12.45
N ALA B 520 10.58 46.76 11.56
CA ALA B 520 10.03 48.15 11.49
C ALA B 520 9.27 48.49 12.77
N ASN B 521 8.08 47.91 12.97
CA ASN B 521 7.20 48.14 14.15
C ASN B 521 7.29 46.89 15.06
N ILE B 522 6.65 46.89 16.24
CA ILE B 522 6.69 45.77 17.23
C ILE B 522 5.28 45.49 17.78
N ILE B 528 -1.07 35.61 22.41
CA ILE B 528 -1.15 35.35 20.94
C ILE B 528 -2.47 34.65 20.65
N PRO B 529 -3.26 35.12 19.65
CA PRO B 529 -4.53 34.46 19.32
C PRO B 529 -4.31 33.08 18.66
N LEU B 530 -5.24 32.16 18.88
CA LEU B 530 -5.08 30.73 18.47
C LEU B 530 -6.18 30.33 17.48
N THR B 531 -5.80 29.58 16.45
CA THR B 531 -6.72 28.78 15.61
C THR B 531 -7.37 27.73 16.51
N VAL B 532 -8.48 27.13 16.09
CA VAL B 532 -9.17 26.09 16.91
C VAL B 532 -8.18 24.96 17.24
N ASN B 533 -7.23 24.67 16.33
CA ASN B 533 -6.24 23.57 16.47
C ASN B 533 -5.06 23.99 17.38
N GLY B 534 -5.04 25.23 17.84
CA GLY B 534 -4.12 25.71 18.88
C GLY B 534 -2.82 26.27 18.33
N LYS B 535 -2.85 26.76 17.09
CA LYS B 535 -1.68 27.34 16.38
C LYS B 535 -1.78 28.86 16.48
N VAL B 536 -0.65 29.54 16.30
CA VAL B 536 -0.60 31.01 16.11
C VAL B 536 -1.57 31.37 14.99
N ASP B 537 -2.63 32.14 15.28
CA ASP B 537 -3.58 32.69 14.26
C ASP B 537 -2.90 33.86 13.54
N ARG B 538 -1.99 33.56 12.60
CA ARG B 538 -1.20 34.56 11.84
C ARG B 538 -2.14 35.48 11.05
N ALA B 539 -3.21 34.91 10.48
CA ALA B 539 -4.22 35.66 9.70
C ALA B 539 -4.85 36.76 10.56
N ASP B 540 -5.14 36.44 11.83
CA ASP B 540 -5.85 37.34 12.78
C ASP B 540 -4.95 38.50 13.19
N LEU B 541 -3.67 38.22 13.44
CA LEU B 541 -2.65 39.26 13.75
C LEU B 541 -2.47 40.15 12.53
N ALA B 542 -2.48 39.59 11.33
CA ALA B 542 -2.24 40.34 10.07
C ALA B 542 -3.23 41.50 9.95
N THR B 543 -4.41 41.42 10.56
CA THR B 543 -5.48 42.47 10.47
C THR B 543 -5.28 43.58 11.51
N ARG B 544 -4.06 44.13 11.67
CA ARG B 544 -3.73 45.16 12.71
C ARG B 544 -2.71 46.17 12.18
C4 HFR C . -5.33 -13.85 -17.13
C14 HFR C . -3.25 -10.67 -18.20
C5 HFR C . 0.47 -14.04 -12.57
C6 HFR C . 0.48 -14.87 -11.45
C11 HFR C . -0.76 -12.67 -14.28
C7 HFR C . -0.72 -15.32 -10.92
C8 HFR C . -1.92 -14.91 -11.48
C9 HFR C . -1.94 -14.05 -12.57
C10 HFR C . -0.75 -13.63 -13.11
C12 HFR C . -0.39 -13.43 -15.55
C13 HFR C . -0.68 -12.63 -16.87
N1 HFR C . -8.68 -16.69 -17.61
N2 HFR C . -7.98 -14.91 -19.13
C3 HFR C . -7.69 -16.34 -16.78
N3 HFR C . 0.17 -11.60 -13.94
BR HFR C . -3.53 -15.48 -10.75
O1 HFR C . -1.02 -13.24 -17.89
N4 HFR C . -0.43 -11.32 -16.86
S1 HFR C . -0.70 -10.45 -18.21
O2 HFR C . -0.73 -9.00 -17.70
O3 HFR C . 0.38 -10.76 -19.22
O4 HFR C . -2.04 -10.77 -18.92
C15 HFR C . -4.41 -10.95 -19.16
O5 HFR C . -4.50 -12.36 -19.46
C16 HFR C . -5.73 -10.62 -18.44
O6 HFR C . -6.06 -9.24 -18.59
C17 HFR C . -6.73 -11.53 -19.22
O7 HFR C . -7.08 -10.97 -20.47
C18 HFR C . -5.90 -12.78 -19.40
N5 HFR C . -6.04 -13.72 -18.27
N6 HFR C . -5.84 -14.86 -16.41
C2 HFR C . -6.87 -15.35 -17.08
C1 HFR C . -6.99 -14.65 -18.24
C19 HFR C . -8.84 -15.97 -18.80
N7 HFR C . -7.44 -16.94 -15.61
CA CA D . 17.57 8.21 -9.64
C4 HFR E . 4.57 20.54 11.81
C14 HFR E . 1.82 20.67 8.96
C5 HFR E . 0.11 15.06 13.52
C6 HFR E . 0.49 14.13 14.50
C11 HFR E . 0.68 16.71 11.75
C7 HFR E . 1.84 13.89 14.76
C8 HFR E . 2.79 14.57 14.00
C9 HFR E . 2.45 15.50 13.03
C10 HFR E . 1.10 15.74 12.80
C12 HFR E . 0.27 17.96 12.52
C13 HFR E . 0.12 19.25 11.66
N1 HFR E . 8.24 21.96 13.86
N2 HFR E . 6.86 23.07 12.21
C3 HFR E . 7.41 20.92 13.81
N3 HFR E . -0.40 16.14 10.91
BR HFR E . 4.54 14.19 14.30
O1 HFR E . 0.32 20.35 12.17
N4 HFR E . -0.28 19.05 10.38
S1 HFR E . -0.59 20.28 9.41
O2 HFR E . -0.94 19.65 8.03
O3 HFR E . -1.78 21.03 9.98
O4 HFR E . 0.58 21.20 9.29
C15 HFR E . 2.76 21.85 8.88
O5 HFR E . 2.95 22.37 10.26
C16 HFR E . 4.12 21.36 8.39
O6 HFR E . 4.18 21.57 6.99
C17 HFR E . 5.04 22.32 9.09
O7 HFR E . 5.11 23.51 8.32
C18 HFR E . 4.36 22.61 10.46
N5 HFR E . 4.98 21.74 11.47
N6 HFR E . 5.38 20.03 12.74
C2 HFR E . 6.33 20.93 12.97
C1 HFR E . 6.07 21.99 12.18
C19 HFR E . 7.97 23.07 13.03
N7 HFR E . 7.60 19.82 14.55
CA CA F . -20.21 6.11 -4.24
#